data_4N9A
#
_entry.id   4N9A
#
_cell.length_a   79.780
_cell.length_b   67.370
_cell.length_c   81.120
_cell.angle_alpha   90.000
_cell.angle_beta   113.920
_cell.angle_gamma   90.000
#
_symmetry.space_group_name_H-M   'P 1 21 1'
#
loop_
_entity.id
_entity.type
_entity.pdbx_description
1 polymer 'DNA polymerase III subunit beta'
2 non-polymer 'CALCIUM ION'
3 non-polymer 'TETRAETHYLENE GLYCOL'
4 non-polymer '(1R)-6-chloro-2,3,4,9-tetrahydro-1H-carbazole-1-carboxylic acid'
5 non-polymer DI(HYDROXYETHYL)ETHER
6 non-polymer 'CHLORIDE ION'
7 water water
#
_entity_poly.entity_id   1
_entity_poly.type   'polypeptide(L)'
_entity_poly.pdbx_seq_one_letter_code
;MKFTVEREHLLKPLQQVSGPLGGRPTLPILGNLLLQVADGTLSLTGTDLEMEMVARVALVQPHEPGATTVPARKFFDICR
GLPEGAEIAVQLEGERMLVRSGRSRFSLSTLPAADFPNLDDWQSEVEFTLPQATMKRLIEATQFSMAHQDVRYYLNGMLF
ETEGEELRTVATDGHRLAVCSMPIGQSLPSHSVIVPRKGVIELMRMLDGGDNPLRVQIGSNNIRAHVGDFIFTSKLVDGR
FPDYRRVLPKNPDKHLEAGCDLLKQAFARAAILSNEKFRGVRLYVSENQLKITANNPEQEEAEEILDVTYSGAEMEIGFN
VSYVLDVLNALKCENVRMMLTDSVSSVQIEDAASQSAAYVVMPMRL
;
_entity_poly.pdbx_strand_id   A,B
#
# COMPACT_ATOMS: atom_id res chain seq x y z
N MET A 1 -34.10 -21.33 7.09
CA MET A 1 -32.73 -21.16 7.63
C MET A 1 -32.66 -19.90 8.49
N LYS A 2 -32.28 -20.06 9.75
CA LYS A 2 -32.12 -18.96 10.69
C LYS A 2 -30.97 -19.27 11.63
N PHE A 3 -30.12 -18.28 11.87
CA PHE A 3 -29.16 -18.32 12.94
C PHE A 3 -28.92 -16.94 13.52
N THR A 4 -28.40 -16.91 14.75
CA THR A 4 -27.99 -15.69 15.41
C THR A 4 -26.63 -15.96 16.00
N VAL A 5 -25.60 -15.25 15.55
CA VAL A 5 -24.25 -15.48 16.03
C VAL A 5 -23.53 -14.19 16.30
N GLU A 6 -22.58 -14.26 17.23
CA GLU A 6 -21.75 -13.12 17.56
C GLU A 6 -20.90 -12.74 16.40
N ARG A 7 -20.75 -11.45 16.20
CA ARG A 7 -19.89 -10.91 15.13
C ARG A 7 -18.54 -11.54 15.18
N GLU A 8 -17.98 -11.62 16.38
CA GLU A 8 -16.62 -12.17 16.57
C GLU A 8 -16.45 -13.59 16.01
N HIS A 9 -17.50 -14.38 16.08
CA HIS A 9 -17.44 -15.79 15.61
C HIS A 9 -17.66 -15.93 14.11
N LEU A 10 -18.19 -14.89 13.45
CA LEU A 10 -18.39 -14.93 11.99
C LEU A 10 -17.22 -14.36 11.19
N LEU A 11 -16.56 -13.34 11.73
CA LEU A 11 -15.57 -12.57 10.94
C LEU A 11 -14.40 -13.35 10.38
N LYS A 12 -13.64 -14.03 11.23
CA LYS A 12 -12.51 -14.84 10.77
C LYS A 12 -12.97 -15.85 9.72
N PRO A 13 -13.98 -16.69 10.06
CA PRO A 13 -14.57 -17.58 9.06
C PRO A 13 -14.93 -16.93 7.74
N LEU A 14 -15.67 -15.82 7.77
CA LEU A 14 -16.06 -15.11 6.55
C LEU A 14 -14.87 -14.63 5.73
N GLN A 15 -13.87 -14.11 6.42
CA GLN A 15 -12.62 -13.70 5.79
C GLN A 15 -11.87 -14.88 5.17
N GLN A 16 -11.84 -16.02 5.84
CA GLN A 16 -11.15 -17.19 5.31
C GLN A 16 -11.82 -17.71 4.05
N VAL A 17 -13.16 -17.74 4.03
CA VAL A 17 -13.88 -18.25 2.88
C VAL A 17 -14.08 -17.22 1.76
N SER A 18 -13.81 -15.95 2.02
CA SER A 18 -13.96 -14.87 1.02
C SER A 18 -12.71 -14.56 0.17
N LEU A 27 -18.44 -16.23 -13.59
CA LEU A 27 -19.75 -16.85 -13.45
C LEU A 27 -20.32 -16.50 -12.08
N PRO A 28 -21.53 -15.92 -12.05
CA PRO A 28 -22.02 -15.19 -10.87
C PRO A 28 -22.04 -15.96 -9.54
N ILE A 29 -22.46 -17.22 -9.55
CA ILE A 29 -22.59 -17.92 -8.28
C ILE A 29 -21.22 -18.13 -7.61
N LEU A 30 -20.13 -18.01 -8.35
CA LEU A 30 -18.78 -18.08 -7.77
C LEU A 30 -18.45 -16.89 -6.90
N GLY A 31 -19.22 -15.82 -7.06
CA GLY A 31 -19.09 -14.66 -6.22
C GLY A 31 -19.85 -14.74 -4.90
N ASN A 32 -20.56 -15.85 -4.71
CA ASN A 32 -21.40 -16.05 -3.54
C ASN A 32 -20.81 -17.09 -2.58
N LEU A 33 -21.17 -16.95 -1.31
CA LEU A 33 -20.88 -17.96 -0.30
C LEU A 33 -22.12 -18.83 -0.09
N LEU A 34 -21.87 -20.12 0.05
CA LEU A 34 -22.89 -21.10 0.38
C LEU A 34 -22.97 -21.13 1.90
N LEU A 35 -24.16 -20.87 2.42
CA LEU A 35 -24.42 -20.95 3.84
C LEU A 35 -25.33 -22.15 4.12
N GLN A 36 -24.95 -22.98 5.10
CA GLN A 36 -25.76 -24.17 5.45
C GLN A 36 -25.88 -24.28 6.95
N VAL A 37 -27.11 -24.30 7.46
CA VAL A 37 -27.35 -24.60 8.85
C VAL A 37 -27.83 -26.07 8.88
N ALA A 38 -27.08 -26.89 9.60
CA ALA A 38 -27.38 -28.32 9.69
C ALA A 38 -26.76 -28.81 10.96
N ASP A 39 -27.48 -29.63 11.73
CA ASP A 39 -26.97 -30.24 12.95
C ASP A 39 -26.29 -29.26 13.91
N GLY A 40 -26.91 -28.12 14.20
CA GLY A 40 -26.27 -27.17 15.11
C GLY A 40 -24.95 -26.55 14.65
N THR A 41 -24.71 -26.52 13.34
CA THR A 41 -23.49 -25.92 12.79
C THR A 41 -23.85 -25.07 11.57
N LEU A 42 -23.20 -23.91 11.47
CA LEU A 42 -23.18 -23.10 10.26
C LEU A 42 -21.93 -23.42 9.46
N SER A 43 -22.13 -23.86 8.22
CA SER A 43 -21.03 -24.04 7.30
C SER A 43 -21.04 -22.91 6.28
N LEU A 44 -19.85 -22.39 6.02
CA LEU A 44 -19.64 -21.34 5.04
C LEU A 44 -18.68 -21.87 4.03
N THR A 45 -19.09 -21.92 2.76
CA THR A 45 -18.23 -22.44 1.70
C THR A 45 -18.01 -21.42 0.59
N GLY A 46 -16.77 -21.28 0.16
CA GLY A 46 -16.40 -20.48 -1.04
C GLY A 46 -15.53 -21.28 -1.99
N THR A 47 -15.73 -21.09 -3.29
CA THR A 47 -15.04 -21.84 -4.32
C THR A 47 -14.83 -21.02 -5.61
N ASP A 48 -13.80 -21.38 -6.36
CA ASP A 48 -13.60 -20.89 -7.71
C ASP A 48 -13.51 -22.07 -8.70
N LEU A 49 -14.05 -23.21 -8.30
CA LEU A 49 -13.96 -24.46 -9.08
C LEU A 49 -12.60 -25.19 -9.07
N GLU A 50 -11.51 -24.47 -8.83
CA GLU A 50 -10.15 -25.05 -8.74
C GLU A 50 -9.85 -25.44 -7.27
N MET A 51 -10.33 -24.62 -6.35
CA MET A 51 -10.16 -24.82 -4.94
C MET A 51 -11.41 -24.37 -4.19
N GLU A 52 -11.45 -24.69 -2.90
CA GLU A 52 -12.64 -24.52 -2.07
C GLU A 52 -12.19 -24.33 -0.62
N MET A 53 -12.84 -23.43 0.12
CA MET A 53 -12.65 -23.30 1.56
C MET A 53 -13.98 -23.45 2.31
N VAL A 54 -13.98 -24.21 3.40
CA VAL A 54 -15.19 -24.45 4.17
C VAL A 54 -14.86 -24.14 5.63
N ALA A 55 -15.73 -23.37 6.28
CA ALA A 55 -15.55 -23.06 7.67
C ALA A 55 -16.79 -23.52 8.41
N ARG A 56 -16.60 -24.12 9.57
CA ARG A 56 -17.72 -24.56 10.38
C ARG A 56 -17.80 -23.72 11.63
N VAL A 57 -19.01 -23.30 11.96
CA VAL A 57 -19.23 -22.47 13.13
C VAL A 57 -20.32 -23.08 13.97
N ALA A 58 -20.01 -23.41 15.22
CA ALA A 58 -20.99 -24.00 16.11
C ALA A 58 -22.07 -22.96 16.47
N LEU A 59 -23.32 -23.40 16.53
CA LEU A 59 -24.42 -22.49 16.80
C LEU A 59 -25.00 -22.75 18.18
N VAL A 60 -24.67 -21.90 19.14
CA VAL A 60 -25.08 -22.10 20.53
C VAL A 60 -26.46 -21.47 20.84
N GLN A 61 -26.99 -20.68 19.90
CA GLN A 61 -28.28 -20.03 20.05
C GLN A 61 -29.29 -20.75 19.14
N PRO A 62 -30.60 -20.46 19.32
CA PRO A 62 -31.62 -21.08 18.47
C PRO A 62 -31.33 -20.84 16.99
N HIS A 63 -31.72 -21.81 16.17
CA HIS A 63 -31.44 -21.76 14.76
C HIS A 63 -32.33 -22.75 14.07
N GLU A 64 -32.48 -22.57 12.76
CA GLU A 64 -33.30 -23.44 11.95
C GLU A 64 -32.51 -23.84 10.72
N PRO A 65 -32.66 -25.09 10.27
CA PRO A 65 -31.86 -25.61 9.19
C PRO A 65 -32.24 -25.01 7.85
N GLY A 66 -31.31 -25.12 6.88
CA GLY A 66 -31.57 -24.74 5.50
C GLY A 66 -30.29 -24.19 4.89
N ALA A 67 -30.33 -23.92 3.59
CA ALA A 67 -29.15 -23.43 2.92
C ALA A 67 -29.48 -22.42 1.84
N THR A 68 -28.54 -21.53 1.60
CA THR A 68 -28.70 -20.55 0.56
C THR A 68 -27.33 -20.08 0.16
N THR A 69 -27.32 -19.05 -0.66
CA THR A 69 -26.11 -18.57 -1.25
C THR A 69 -26.27 -17.05 -1.31
N VAL A 70 -25.23 -16.31 -0.91
CA VAL A 70 -25.30 -14.84 -0.84
C VAL A 70 -23.97 -14.23 -1.26
N PRO A 71 -24.02 -12.99 -1.79
CA PRO A 71 -22.81 -12.30 -2.25
C PRO A 71 -21.77 -12.18 -1.15
N ALA A 72 -20.60 -12.75 -1.42
CA ALA A 72 -19.54 -12.95 -0.44
C ALA A 72 -19.03 -11.64 0.11
N ARG A 73 -18.57 -10.78 -0.78
CA ARG A 73 -17.99 -9.49 -0.40
C ARG A 73 -18.95 -8.60 0.40
N LYS A 74 -20.19 -8.47 -0.09
CA LYS A 74 -21.18 -7.66 0.58
C LYS A 74 -21.48 -8.16 2.00
N PHE A 75 -21.66 -9.47 2.16
CA PHE A 75 -21.99 -10.03 3.46
C PHE A 75 -20.81 -9.83 4.44
N PHE A 76 -19.61 -10.09 3.93
CA PHE A 76 -18.40 -9.86 4.71
C PHE A 76 -18.31 -8.38 5.12
N ASP A 77 -18.52 -7.49 4.16
CA ASP A 77 -18.38 -6.06 4.44
C ASP A 77 -19.42 -5.54 5.40
N ILE A 78 -20.63 -6.10 5.39
CA ILE A 78 -21.68 -5.75 6.36
C ILE A 78 -21.32 -6.24 7.76
N CYS A 79 -20.93 -7.51 7.87
CA CYS A 79 -20.51 -8.06 9.16
C CYS A 79 -19.32 -7.31 9.75
N ARG A 80 -18.26 -7.09 8.97
CA ARG A 80 -17.09 -6.30 9.41
C ARG A 80 -17.53 -4.90 9.82
N GLY A 81 -18.40 -4.29 9.01
CA GLY A 81 -18.89 -2.96 9.27
C GLY A 81 -19.67 -2.77 10.55
N LEU A 82 -20.25 -3.82 11.10
CA LEU A 82 -20.97 -3.73 12.34
C LEU A 82 -19.97 -3.56 13.52
N PRO A 83 -20.45 -3.03 14.64
CA PRO A 83 -19.57 -2.70 15.77
C PRO A 83 -19.11 -3.89 16.59
N GLU A 84 -18.00 -3.72 17.29
CA GLU A 84 -17.53 -4.66 18.30
C GLU A 84 -18.69 -5.23 19.10
N GLY A 85 -18.74 -6.55 19.23
CA GLY A 85 -19.73 -7.20 20.09
C GLY A 85 -21.13 -7.28 19.51
N ALA A 86 -21.29 -6.97 18.23
CA ALA A 86 -22.57 -7.11 17.57
C ALA A 86 -23.03 -8.57 17.58
N GLU A 87 -24.32 -8.77 17.76
CA GLU A 87 -24.96 -10.06 17.50
C GLU A 87 -25.64 -9.97 16.14
N ILE A 88 -25.45 -10.98 15.32
CA ILE A 88 -25.92 -10.90 13.93
C ILE A 88 -26.96 -11.99 13.67
N ALA A 89 -28.21 -11.58 13.51
CA ALA A 89 -29.32 -12.48 13.24
C ALA A 89 -29.54 -12.55 11.76
N VAL A 90 -29.77 -13.76 11.25
CA VAL A 90 -29.84 -14.01 9.82
C VAL A 90 -31.03 -14.90 9.58
N GLN A 91 -31.83 -14.63 8.55
CA GLN A 91 -32.90 -15.53 8.12
C GLN A 91 -33.24 -15.39 6.64
N LEU A 92 -33.56 -16.51 6.02
CA LEU A 92 -33.96 -16.53 4.62
C LEU A 92 -35.44 -16.15 4.54
N GLU A 93 -35.75 -15.18 3.69
CA GLU A 93 -37.12 -14.75 3.48
C GLU A 93 -37.24 -14.31 2.04
N GLY A 94 -37.89 -15.14 1.23
CA GLY A 94 -37.71 -15.08 -0.20
C GLY A 94 -36.66 -16.13 -0.47
N GLU A 95 -35.84 -16.04 -1.53
CA GLU A 95 -35.57 -14.88 -2.38
C GLU A 95 -34.47 -14.00 -1.73
N ARG A 96 -34.74 -13.41 -0.56
CA ARG A 96 -33.77 -12.54 0.12
C ARG A 96 -33.23 -13.17 1.39
N MET A 97 -32.01 -12.81 1.76
CA MET A 97 -31.45 -13.13 3.07
C MET A 97 -31.40 -11.87 3.94
N LEU A 98 -32.11 -11.90 5.06
CA LEU A 98 -32.14 -10.76 5.98
C LEU A 98 -31.02 -10.92 7.01
N VAL A 99 -30.27 -9.85 7.21
CA VAL A 99 -29.26 -9.75 8.25
C VAL A 99 -29.65 -8.58 9.15
N ARG A 100 -29.74 -8.83 10.46
CA ARG A 100 -30.11 -7.78 11.42
C ARG A 100 -29.17 -7.77 12.59
N SER A 101 -28.84 -6.58 13.05
CA SER A 101 -28.01 -6.41 14.23
C SER A 101 -28.30 -5.00 14.75
N GLY A 102 -28.67 -4.88 16.02
CA GLY A 102 -29.00 -3.56 16.58
C GLY A 102 -30.19 -3.02 15.82
N ARG A 103 -30.07 -1.82 15.28
CA ARG A 103 -31.08 -1.29 14.37
C ARG A 103 -30.49 -1.11 12.97
N SER A 104 -29.60 -2.03 12.61
CA SER A 104 -29.04 -2.10 11.29
C SER A 104 -29.67 -3.31 10.62
N ARG A 105 -30.25 -3.07 9.46
CA ARG A 105 -31.06 -4.07 8.75
C ARG A 105 -30.57 -4.14 7.31
N PHE A 106 -30.43 -5.35 6.75
CA PHE A 106 -29.93 -5.56 5.41
C PHE A 106 -30.69 -6.67 4.71
N SER A 107 -30.98 -6.49 3.44
CA SER A 107 -31.64 -7.49 2.66
C SER A 107 -30.76 -7.81 1.46
N LEU A 108 -30.24 -9.03 1.41
CA LEU A 108 -29.34 -9.46 0.33
C LEU A 108 -29.99 -10.43 -0.62
N SER A 109 -29.60 -10.34 -1.89
CA SER A 109 -30.06 -11.26 -2.91
C SER A 109 -29.37 -12.61 -2.71
N THR A 110 -30.02 -13.66 -3.19
CA THR A 110 -29.52 -15.03 -3.06
C THR A 110 -29.48 -15.74 -4.40
N LEU A 111 -28.65 -16.77 -4.53
CA LEU A 111 -28.80 -17.76 -5.59
C LEU A 111 -29.02 -19.11 -4.93
N PRO A 112 -29.76 -20.04 -5.57
CA PRO A 112 -30.12 -21.24 -4.85
C PRO A 112 -28.91 -22.09 -4.45
N ALA A 113 -28.92 -22.63 -3.22
CA ALA A 113 -27.87 -23.54 -2.79
C ALA A 113 -27.69 -24.73 -3.72
N ALA A 114 -28.78 -25.22 -4.31
CA ALA A 114 -28.73 -26.30 -5.31
C ALA A 114 -27.74 -26.01 -6.45
N ASP A 115 -27.56 -24.74 -6.79
CA ASP A 115 -26.68 -24.35 -7.90
C ASP A 115 -25.21 -24.23 -7.52
N PHE A 116 -24.90 -24.22 -6.22
CA PHE A 116 -23.51 -24.00 -5.82
C PHE A 116 -22.61 -25.16 -6.24
N PRO A 117 -21.49 -24.89 -6.94
CA PRO A 117 -20.75 -26.07 -7.45
C PRO A 117 -20.02 -26.84 -6.34
N ASN A 118 -19.90 -28.17 -6.55
CA ASN A 118 -19.12 -29.05 -5.69
C ASN A 118 -17.86 -29.53 -6.38
N LEU A 119 -16.75 -29.57 -5.66
CA LEU A 119 -15.61 -30.32 -6.16
C LEU A 119 -16.02 -31.78 -6.18
N ASP A 120 -15.55 -32.52 -7.19
CA ASP A 120 -15.81 -33.97 -7.28
C ASP A 120 -15.26 -34.70 -6.07
N ASP A 121 -15.92 -35.80 -5.69
CA ASP A 121 -15.46 -36.59 -4.54
C ASP A 121 -14.15 -37.30 -4.92
N TRP A 122 -13.28 -37.54 -3.93
CA TRP A 122 -11.98 -38.16 -4.22
C TRP A 122 -11.52 -38.86 -2.94
N GLN A 123 -10.51 -39.72 -3.08
CA GLN A 123 -9.97 -40.52 -1.97
C GLN A 123 -8.58 -40.07 -1.53
N SER A 124 -8.40 -39.95 -0.22
CA SER A 124 -7.12 -39.68 0.41
C SER A 124 -6.18 -40.89 0.25
N GLU A 125 -4.96 -40.63 -0.22
CA GLU A 125 -3.93 -41.66 -0.40
C GLU A 125 -2.75 -41.49 0.58
N VAL A 126 -2.45 -40.25 0.94
CA VAL A 126 -1.34 -39.92 1.84
C VAL A 126 -1.84 -38.93 2.87
N GLU A 127 -1.52 -39.15 4.14
CA GLU A 127 -2.00 -38.30 5.23
C GLU A 127 -0.93 -38.11 6.25
N PHE A 128 -0.82 -36.89 6.76
CA PHE A 128 0.05 -36.63 7.88
C PHE A 128 -0.39 -35.38 8.56
N THR A 129 0.16 -35.18 9.74
CA THR A 129 -0.11 -34.04 10.57
C THR A 129 1.21 -33.32 10.78
N LEU A 130 1.18 -32.00 10.97
CA LEU A 130 2.36 -31.22 11.27
C LEU A 130 1.97 -29.88 11.87
N PRO A 131 2.90 -29.22 12.59
CA PRO A 131 2.57 -27.94 13.22
C PRO A 131 2.36 -26.88 12.17
N GLN A 132 1.39 -26.00 12.40
CA GLN A 132 1.26 -24.77 11.63
C GLN A 132 2.60 -24.11 11.32
N ALA A 133 3.47 -23.98 12.33
CA ALA A 133 4.71 -23.20 12.12
C ALA A 133 5.63 -23.83 11.06
N THR A 134 5.57 -25.15 10.95
CA THR A 134 6.35 -25.89 9.98
C THR A 134 5.85 -25.61 8.55
N MET A 135 4.54 -25.60 8.34
CA MET A 135 4.01 -25.25 7.00
C MET A 135 4.32 -23.80 6.63
N LYS A 136 4.17 -22.89 7.57
CA LYS A 136 4.56 -21.50 7.34
C LYS A 136 6.03 -21.42 6.85
N ARG A 137 6.91 -22.07 7.59
CA ARG A 137 8.33 -22.15 7.29
C ARG A 137 8.58 -22.70 5.87
N LEU A 138 7.94 -23.81 5.54
CA LEU A 138 8.09 -24.45 4.22
C LEU A 138 7.69 -23.55 3.06
N ILE A 139 6.59 -22.83 3.24
CA ILE A 139 6.06 -21.99 2.18
C ILE A 139 6.84 -20.68 2.05
N GLU A 140 7.06 -19.99 3.15
CA GLU A 140 7.80 -18.72 3.12
CA GLU A 140 7.80 -18.73 3.13
C GLU A 140 9.23 -18.92 2.65
N ALA A 141 9.79 -20.11 2.90
CA ALA A 141 11.17 -20.35 2.50
C ALA A 141 11.32 -20.44 0.97
N THR A 142 10.22 -20.72 0.27
CA THR A 142 10.34 -21.02 -1.15
C THR A 142 9.41 -20.24 -2.08
N GLN A 143 8.34 -19.67 -1.55
CA GLN A 143 7.25 -19.16 -2.39
C GLN A 143 7.71 -18.18 -3.47
N PHE A 144 8.63 -17.29 -3.10
CA PHE A 144 9.13 -16.23 -3.98
C PHE A 144 9.84 -16.78 -5.23
N SER A 145 10.26 -18.04 -5.22
CA SER A 145 10.96 -18.61 -6.38
C SER A 145 10.03 -19.29 -7.42
N MET A 146 8.74 -19.31 -7.17
CA MET A 146 7.79 -19.89 -8.14
C MET A 146 7.78 -19.01 -9.37
N ALA A 147 7.56 -19.59 -10.53
CA ALA A 147 7.31 -18.78 -11.75
C ALA A 147 5.97 -18.02 -11.63
N HIS A 148 5.84 -16.94 -12.40
N HIS A 148 5.81 -16.92 -12.36
CA HIS A 148 4.54 -16.28 -12.60
CA HIS A 148 4.61 -16.09 -12.25
C HIS A 148 4.19 -16.35 -14.11
C HIS A 148 3.57 -16.41 -13.31
N GLN A 149 3.14 -17.09 -14.43
N GLN A 149 4.01 -16.54 -14.56
CA GLN A 149 2.63 -17.14 -15.79
CA GLN A 149 3.08 -16.80 -15.67
C GLN A 149 3.61 -17.77 -16.81
C GLN A 149 3.73 -17.66 -16.76
N ASP A 150 4.47 -18.69 -16.36
CA ASP A 150 5.33 -19.43 -17.28
C ASP A 150 4.49 -20.41 -18.13
N VAL A 151 4.87 -20.62 -19.40
CA VAL A 151 4.16 -21.60 -20.25
C VAL A 151 4.37 -23.04 -19.78
N ARG A 152 5.38 -23.25 -18.94
CA ARG A 152 5.50 -24.53 -18.24
C ARG A 152 4.68 -24.35 -16.97
N TYR A 153 3.41 -24.74 -17.03
CA TYR A 153 2.41 -24.37 -16.02
C TYR A 153 2.75 -24.86 -14.63
N TYR A 154 3.40 -26.01 -14.57
CA TYR A 154 3.71 -26.67 -13.31
C TYR A 154 4.75 -25.87 -12.51
N LEU A 155 5.50 -25.00 -13.17
CA LEU A 155 6.42 -24.06 -12.47
C LEU A 155 5.70 -22.86 -11.84
N ASN A 156 4.47 -22.61 -12.21
CA ASN A 156 3.70 -21.54 -11.57
C ASN A 156 3.22 -21.90 -10.17
N GLY A 157 3.37 -23.16 -9.79
CA GLY A 157 3.00 -23.63 -8.47
C GLY A 157 4.21 -24.10 -7.71
N MET A 158 3.94 -24.89 -6.67
CA MET A 158 4.95 -25.33 -5.72
C MET A 158 4.87 -26.85 -5.53
N LEU A 159 6.02 -27.50 -5.64
CA LEU A 159 6.12 -28.92 -5.34
C LEU A 159 6.08 -29.10 -3.83
N PHE A 160 5.28 -30.08 -3.39
CA PHE A 160 5.27 -30.58 -2.01
C PHE A 160 5.61 -32.05 -2.10
N GLU A 161 6.72 -32.45 -1.48
CA GLU A 161 7.25 -33.78 -1.64
C GLU A 161 7.38 -34.42 -0.27
N THR A 162 6.99 -35.68 -0.16
CA THR A 162 7.19 -36.43 1.07
C THR A 162 8.31 -37.44 0.82
N GLU A 163 9.23 -37.54 1.75
CA GLU A 163 10.31 -38.48 1.60
C GLU A 163 10.82 -38.82 2.98
N GLY A 164 10.82 -40.11 3.30
CA GLY A 164 11.27 -40.55 4.61
C GLY A 164 10.30 -40.00 5.63
N GLU A 165 10.77 -39.15 6.54
CA GLU A 165 9.90 -38.43 7.48
C GLU A 165 9.84 -36.92 7.22
N GLU A 166 10.32 -36.50 6.04
CA GLU A 166 10.42 -35.09 5.71
C GLU A 166 9.34 -34.65 4.76
N LEU A 167 8.83 -33.45 4.99
CA LEU A 167 8.02 -32.75 4.02
C LEU A 167 8.93 -31.68 3.43
N ARG A 168 8.87 -31.52 2.10
CA ARG A 168 9.76 -30.63 1.39
C ARG A 168 8.95 -29.81 0.41
N THR A 169 9.27 -28.51 0.28
CA THR A 169 8.75 -27.68 -0.82
C THR A 169 9.87 -27.31 -1.77
N VAL A 170 9.54 -27.24 -3.06
CA VAL A 170 10.47 -26.78 -4.06
C VAL A 170 9.74 -25.79 -4.95
N ALA A 171 10.43 -24.70 -5.30
CA ALA A 171 9.89 -23.71 -6.19
C ALA A 171 10.99 -23.23 -7.12
N THR A 172 10.65 -23.07 -8.40
CA THR A 172 11.62 -22.62 -9.37
C THR A 172 10.94 -22.07 -10.60
N ASP A 173 11.61 -21.10 -11.21
CA ASP A 173 11.14 -20.49 -12.44
C ASP A 173 12.07 -20.79 -13.64
N GLY A 174 13.02 -21.70 -13.46
CA GLY A 174 13.99 -21.98 -14.52
C GLY A 174 15.32 -21.27 -14.36
N HIS A 175 15.32 -20.14 -13.63
CA HIS A 175 16.49 -19.26 -13.47
C HIS A 175 17.07 -19.31 -12.06
N ARG A 176 16.20 -19.51 -11.08
CA ARG A 176 16.60 -19.72 -9.70
C ARG A 176 15.65 -20.70 -9.04
N LEU A 177 16.10 -21.30 -7.95
CA LEU A 177 15.36 -22.33 -7.27
C LEU A 177 15.46 -22.20 -5.77
N ALA A 178 14.38 -22.55 -5.09
CA ALA A 178 14.35 -22.65 -3.63
C ALA A 178 13.86 -24.05 -3.17
N VAL A 179 14.53 -24.65 -2.18
CA VAL A 179 14.06 -25.89 -1.61
C VAL A 179 14.14 -25.81 -0.09
N CYS A 180 13.15 -26.36 0.58
CA CYS A 180 13.14 -26.41 2.05
C CYS A 180 12.56 -27.73 2.50
N SER A 181 13.22 -28.39 3.47
CA SER A 181 12.79 -29.68 3.99
C SER A 181 12.67 -29.59 5.50
N MET A 182 11.61 -30.17 6.06
CA MET A 182 11.42 -30.18 7.50
C MET A 182 10.97 -31.55 7.94
N PRO A 183 11.47 -32.01 9.09
CA PRO A 183 11.04 -33.27 9.70
C PRO A 183 9.65 -33.12 10.27
N ILE A 184 8.81 -34.13 10.09
CA ILE A 184 7.48 -34.10 10.69
C ILE A 184 7.16 -35.32 11.58
N GLY A 185 8.16 -36.18 11.79
CA GLY A 185 8.08 -37.22 12.81
C GLY A 185 7.16 -38.39 12.50
N GLN A 186 6.85 -38.61 11.23
CA GLN A 186 5.99 -39.72 10.84
C GLN A 186 6.57 -40.34 9.64
N SER A 187 6.42 -41.66 9.55
CA SER A 187 6.86 -42.41 8.38
C SER A 187 5.97 -42.07 7.19
N LEU A 188 6.56 -41.51 6.14
CA LEU A 188 5.77 -41.09 4.99
C LEU A 188 6.16 -41.84 3.75
N PRO A 189 5.22 -42.05 2.85
CA PRO A 189 5.61 -42.59 1.56
C PRO A 189 6.36 -41.54 0.75
N SER A 190 7.01 -41.96 -0.34
CA SER A 190 7.67 -41.04 -1.24
C SER A 190 6.66 -40.62 -2.29
N HIS A 191 6.27 -39.37 -2.25
CA HIS A 191 5.28 -38.84 -3.20
C HIS A 191 5.53 -37.36 -3.42
N SER A 192 5.08 -36.86 -4.56
CA SER A 192 5.22 -35.44 -4.93
C SER A 192 3.93 -34.98 -5.56
N VAL A 193 3.46 -33.81 -5.18
CA VAL A 193 2.32 -33.18 -5.85
C VAL A 193 2.69 -31.72 -6.10
N ILE A 194 2.05 -31.14 -7.12
CA ILE A 194 2.23 -29.74 -7.42
C ILE A 194 0.93 -29.02 -7.13
N VAL A 195 1.03 -28.04 -6.23
CA VAL A 195 -0.07 -27.23 -5.76
C VAL A 195 0.00 -25.92 -6.53
N PRO A 196 -1.13 -25.49 -7.10
CA PRO A 196 -1.12 -24.25 -7.89
C PRO A 196 -0.88 -23.02 -7.02
N ARG A 197 -0.38 -21.95 -7.63
CA ARG A 197 0.06 -20.78 -6.86
C ARG A 197 -1.05 -20.26 -5.95
N LYS A 198 -2.26 -20.24 -6.47
CA LYS A 198 -3.42 -19.80 -5.73
C LYS A 198 -3.67 -20.62 -4.46
N GLY A 199 -3.48 -21.93 -4.57
CA GLY A 199 -3.63 -22.81 -3.47
C GLY A 199 -2.57 -22.57 -2.44
N VAL A 200 -1.36 -22.26 -2.89
CA VAL A 200 -0.26 -22.02 -1.95
C VAL A 200 -0.53 -20.77 -1.12
N ILE A 201 -1.05 -19.73 -1.78
CA ILE A 201 -1.46 -18.49 -1.13
C ILE A 201 -2.51 -18.78 -0.04
N GLU A 202 -3.53 -19.57 -0.38
CA GLU A 202 -4.60 -19.90 0.58
C GLU A 202 -4.13 -20.77 1.73
N LEU A 203 -3.26 -21.70 1.42
CA LEU A 203 -2.68 -22.59 2.41
C LEU A 203 -1.92 -21.79 3.46
N MET A 204 -1.21 -20.75 3.02
CA MET A 204 -0.49 -19.86 3.92
C MET A 204 -1.48 -19.02 4.72
N ARG A 205 -2.49 -18.52 4.00
CA ARG A 205 -3.45 -17.62 4.58
C ARG A 205 -4.25 -18.25 5.73
N MET A 206 -4.46 -19.57 5.70
CA MET A 206 -5.19 -20.23 6.76
C MET A 206 -4.37 -20.46 8.04
N LEU A 207 -3.09 -20.08 8.05
CA LEU A 207 -2.25 -20.16 9.26
C LEU A 207 -1.93 -18.73 9.71
N ASP A 208 -2.73 -17.99 10.49
CA ASP A 208 -3.41 -18.31 11.76
C ASP A 208 -2.43 -18.02 12.90
N GLY A 209 -1.43 -18.89 13.06
CA GLY A 209 -0.35 -18.66 14.02
C GLY A 209 -0.58 -19.19 15.42
N GLY A 210 -1.77 -19.71 15.69
CA GLY A 210 -2.03 -20.36 16.98
C GLY A 210 -1.29 -21.69 17.04
N ASP A 211 -1.74 -22.57 17.94
CA ASP A 211 -1.13 -23.89 18.11
C ASP A 211 -2.02 -25.03 17.59
N ASN A 212 -3.04 -24.71 16.82
CA ASN A 212 -3.78 -25.73 16.11
C ASN A 212 -2.83 -26.42 15.13
N PRO A 213 -2.75 -27.76 15.17
CA PRO A 213 -1.98 -28.49 14.17
C PRO A 213 -2.70 -28.56 12.82
N LEU A 214 -1.92 -28.71 11.75
CA LEU A 214 -2.42 -28.88 10.40
C LEU A 214 -2.49 -30.37 10.05
N ARG A 215 -3.61 -30.79 9.47
CA ARG A 215 -3.76 -32.14 8.97
C ARG A 215 -3.91 -32.08 7.47
N VAL A 216 -3.01 -32.77 6.77
CA VAL A 216 -2.97 -32.76 5.31
C VAL A 216 -3.40 -34.11 4.75
N GLN A 217 -4.26 -34.07 3.74
CA GLN A 217 -4.61 -35.28 2.99
C GLN A 217 -4.32 -35.04 1.53
N ILE A 218 -3.68 -36.02 0.91
CA ILE A 218 -3.31 -35.91 -0.49
C ILE A 218 -3.94 -37.03 -1.27
N GLY A 219 -4.52 -36.66 -2.41
CA GLY A 219 -5.13 -37.61 -3.32
C GLY A 219 -4.38 -37.56 -4.63
N SER A 220 -4.88 -38.27 -5.62
CA SER A 220 -4.19 -38.36 -6.88
C SER A 220 -4.26 -37.01 -7.58
N ASN A 221 -5.33 -36.25 -7.33
CA ASN A 221 -5.58 -34.98 -8.00
C ASN A 221 -6.04 -33.83 -7.11
N ASN A 222 -5.87 -33.99 -5.80
CA ASN A 222 -6.35 -33.04 -4.82
C ASN A 222 -5.46 -33.01 -3.60
N ILE A 223 -5.42 -31.86 -2.97
CA ILE A 223 -4.83 -31.77 -1.63
C ILE A 223 -5.84 -31.14 -0.69
N ARG A 224 -5.87 -31.57 0.57
CA ARG A 224 -6.76 -30.98 1.55
C ARG A 224 -5.99 -30.69 2.82
N ALA A 225 -6.27 -29.52 3.42
CA ALA A 225 -5.72 -29.12 4.71
C ALA A 225 -6.79 -28.78 5.73
N HIS A 226 -6.70 -29.40 6.90
CA HIS A 226 -7.64 -29.13 7.99
C HIS A 226 -6.85 -28.44 9.08
N VAL A 227 -7.29 -27.24 9.45
CA VAL A 227 -6.80 -26.63 10.68
C VAL A 227 -7.98 -26.02 11.40
N GLY A 228 -8.14 -26.38 12.66
CA GLY A 228 -9.24 -25.90 13.49
C GLY A 228 -10.54 -26.29 12.82
N ASP A 229 -11.41 -25.30 12.67
CA ASP A 229 -12.73 -25.49 12.09
C ASP A 229 -12.78 -25.09 10.61
N PHE A 230 -11.64 -25.20 9.91
CA PHE A 230 -11.52 -24.81 8.49
C PHE A 230 -10.99 -25.97 7.67
N ILE A 231 -11.56 -26.18 6.49
CA ILE A 231 -11.06 -27.18 5.56
C ILE A 231 -10.84 -26.53 4.20
N PHE A 232 -9.59 -26.60 3.72
CA PHE A 232 -9.24 -26.08 2.40
C PHE A 232 -8.92 -27.24 1.49
N THR A 233 -9.47 -27.20 0.26
CA THR A 233 -9.22 -28.21 -0.75
C THR A 233 -8.85 -27.60 -2.08
N SER A 234 -7.77 -28.09 -2.71
CA SER A 234 -7.35 -27.64 -4.04
C SER A 234 -7.11 -28.81 -5.01
N LYS A 235 -7.35 -28.59 -6.29
CA LYS A 235 -6.85 -29.46 -7.30
C LYS A 235 -5.34 -29.30 -7.36
N LEU A 236 -4.68 -30.31 -7.89
CA LEU A 236 -3.27 -30.30 -8.11
C LEU A 236 -3.01 -29.97 -9.55
N VAL A 237 -1.74 -29.74 -9.88
CA VAL A 237 -1.31 -29.45 -11.23
C VAL A 237 -0.57 -30.67 -11.75
N ASP A 238 -0.89 -31.14 -12.95
CA ASP A 238 -0.11 -32.24 -13.52
C ASP A 238 1.08 -31.70 -14.26
N GLY A 239 2.01 -32.59 -14.56
CA GLY A 239 3.24 -32.24 -15.20
C GLY A 239 4.39 -32.68 -14.31
N ARG A 240 5.58 -32.61 -14.88
CA ARG A 240 6.78 -33.18 -14.30
C ARG A 240 7.65 -32.05 -13.78
N PHE A 241 7.58 -31.84 -12.49
CA PHE A 241 8.38 -30.81 -11.84
C PHE A 241 9.85 -31.24 -11.87
N PRO A 242 10.77 -30.28 -12.10
CA PRO A 242 12.19 -30.64 -12.13
C PRO A 242 12.69 -31.19 -10.80
N ASP A 243 13.84 -31.86 -10.86
CA ASP A 243 14.44 -32.54 -9.72
C ASP A 243 15.43 -31.56 -9.09
N TYR A 244 15.14 -31.12 -7.86
CA TYR A 244 16.01 -30.16 -7.15
C TYR A 244 17.42 -30.71 -6.99
N ARG A 245 17.54 -32.03 -6.85
CA ARG A 245 18.82 -32.72 -6.72
C ARG A 245 19.74 -32.48 -7.92
N ARG A 246 19.17 -32.29 -9.12
CA ARG A 246 19.98 -32.06 -10.32
C ARG A 246 20.34 -30.60 -10.50
N VAL A 247 19.62 -29.74 -9.79
CA VAL A 247 19.88 -28.33 -9.84
C VAL A 247 20.93 -27.94 -8.81
N LEU A 248 20.91 -28.58 -7.64
CA LEU A 248 21.95 -28.33 -6.66
C LEU A 248 23.31 -28.62 -7.30
N PRO A 249 24.26 -27.68 -7.18
CA PRO A 249 25.65 -27.91 -7.64
C PRO A 249 26.19 -29.18 -7.02
N LYS A 250 26.89 -29.99 -7.81
CA LYS A 250 27.38 -31.28 -7.31
C LYS A 250 28.43 -31.15 -6.21
N ASN A 251 29.30 -30.16 -6.31
CA ASN A 251 30.39 -29.99 -5.35
C ASN A 251 30.86 -28.53 -5.30
N PRO A 252 30.06 -27.69 -4.62
CA PRO A 252 30.34 -26.26 -4.56
C PRO A 252 31.27 -25.97 -3.39
N ASP A 253 32.50 -26.41 -3.52
CA ASP A 253 33.43 -26.46 -2.41
C ASP A 253 34.17 -25.12 -2.09
N LYS A 254 33.95 -24.09 -2.90
CA LYS A 254 34.34 -22.71 -2.54
C LYS A 254 33.28 -22.06 -1.63
N HIS A 255 33.58 -21.95 -0.33
CA HIS A 255 32.65 -21.51 0.72
C HIS A 255 32.95 -20.09 1.22
N LEU A 256 32.04 -19.15 0.95
CA LEU A 256 32.10 -17.77 1.43
C LEU A 256 31.04 -17.53 2.49
N GLU A 257 31.40 -16.91 3.60
CA GLU A 257 30.44 -16.53 4.62
C GLU A 257 30.53 -15.04 4.93
N ALA A 258 29.36 -14.44 5.06
CA ALA A 258 29.23 -13.00 5.25
C ALA A 258 27.96 -12.72 6.03
N GLY A 259 27.91 -11.56 6.67
CA GLY A 259 26.70 -11.12 7.33
C GLY A 259 25.57 -10.91 6.34
N CYS A 260 24.40 -11.43 6.67
CA CYS A 260 23.28 -11.43 5.73
C CYS A 260 22.84 -10.02 5.34
N ASP A 261 22.58 -9.17 6.34
CA ASP A 261 22.10 -7.81 6.08
C ASP A 261 23.19 -6.93 5.44
N LEU A 262 24.44 -7.11 5.86
CA LEU A 262 25.56 -6.37 5.24
C LEU A 262 25.63 -6.71 3.77
N LEU A 263 25.62 -8.01 3.47
CA LEU A 263 25.65 -8.51 2.11
C LEU A 263 24.44 -8.01 1.29
N LYS A 264 23.25 -8.04 1.86
CA LYS A 264 22.04 -7.57 1.16
C LYS A 264 22.11 -6.09 0.79
N GLN A 265 22.48 -5.27 1.76
CA GLN A 265 22.46 -3.84 1.56
C GLN A 265 23.53 -3.45 0.57
N ALA A 266 24.64 -4.20 0.52
CA ALA A 266 25.68 -3.92 -0.49
C ALA A 266 25.17 -4.25 -1.89
N PHE A 267 24.54 -5.40 -2.04
CA PHE A 267 23.91 -5.75 -3.30
C PHE A 267 22.81 -4.75 -3.71
N ALA A 268 22.02 -4.29 -2.74
CA ALA A 268 20.91 -3.39 -2.99
C ALA A 268 21.42 -2.03 -3.49
N ARG A 269 22.48 -1.53 -2.91
CA ARG A 269 23.14 -0.33 -3.43
C ARG A 269 23.73 -0.52 -4.83
N ALA A 270 24.48 -1.60 -5.07
CA ALA A 270 25.05 -1.88 -6.41
C ALA A 270 23.96 -1.99 -7.47
N ALA A 271 22.85 -2.63 -7.11
CA ALA A 271 21.73 -2.82 -8.00
C ALA A 271 21.21 -1.53 -8.58
N ILE A 272 21.39 -0.41 -7.87
CA ILE A 272 20.86 0.88 -8.33
C ILE A 272 21.47 1.25 -9.68
N LEU A 273 22.74 0.91 -9.87
CA LEU A 273 23.42 1.21 -11.14
C LEU A 273 23.65 0.00 -12.04
N SER A 274 22.80 -1.01 -11.89
CA SER A 274 22.78 -2.16 -12.77
C SER A 274 21.79 -1.88 -13.90
N ASN A 275 21.94 -2.59 -15.01
CA ASN A 275 20.98 -2.52 -16.11
C ASN A 275 19.55 -2.73 -15.61
N GLU A 276 18.62 -1.87 -15.99
CA GLU A 276 17.25 -1.94 -15.48
C GLU A 276 16.51 -3.23 -15.89
N LYS A 277 16.82 -3.74 -17.08
CA LYS A 277 16.19 -4.95 -17.63
C LYS A 277 16.90 -6.20 -17.12
N PHE A 278 18.21 -6.25 -17.36
CA PHE A 278 19.02 -7.44 -17.11
C PHE A 278 19.59 -7.57 -15.69
N ARG A 279 19.74 -6.45 -14.99
CA ARG A 279 20.03 -6.43 -13.54
C ARG A 279 21.33 -7.10 -13.11
N GLY A 280 22.29 -7.16 -14.02
CA GLY A 280 23.54 -7.89 -13.79
C GLY A 280 24.49 -7.19 -12.84
N VAL A 281 25.12 -7.98 -11.97
CA VAL A 281 26.23 -7.48 -11.17
C VAL A 281 27.35 -8.51 -11.24
N ARG A 282 28.58 -8.09 -10.95
CA ARG A 282 29.74 -8.97 -10.93
C ARG A 282 30.29 -9.10 -9.52
N LEU A 283 30.67 -10.31 -9.18
CA LEU A 283 31.26 -10.60 -7.88
C LEU A 283 32.70 -11.06 -8.14
N TYR A 284 33.62 -10.53 -7.34
CA TYR A 284 35.03 -10.90 -7.39
C TYR A 284 35.36 -11.41 -6.00
N VAL A 285 35.56 -12.72 -5.87
CA VAL A 285 35.90 -13.32 -4.59
C VAL A 285 37.40 -13.51 -4.50
N SER A 286 37.95 -13.23 -3.32
CA SER A 286 39.39 -13.36 -3.06
C SER A 286 39.52 -13.49 -1.57
N GLU A 287 40.76 -13.67 -1.11
CA GLU A 287 41.00 -14.02 0.28
C GLU A 287 40.27 -13.08 1.23
N ASN A 288 39.24 -13.59 1.90
CA ASN A 288 38.49 -12.81 2.88
C ASN A 288 37.91 -11.47 2.37
N GLN A 289 37.73 -11.34 1.06
CA GLN A 289 37.09 -10.16 0.49
C GLN A 289 36.08 -10.51 -0.61
N LEU A 290 35.02 -9.71 -0.67
CA LEU A 290 34.10 -9.75 -1.79
C LEU A 290 33.99 -8.34 -2.37
N LYS A 291 34.13 -8.23 -3.68
CA LYS A 291 33.87 -6.99 -4.38
C LYS A 291 32.68 -7.19 -5.29
N ILE A 292 31.70 -6.31 -5.18
CA ILE A 292 30.54 -6.28 -6.04
C ILE A 292 30.58 -5.06 -6.92
N THR A 293 30.44 -5.24 -8.23
CA THR A 293 30.39 -4.09 -9.13
C THR A 293 29.14 -4.18 -9.99
N ALA A 294 28.76 -3.03 -10.52
CA ALA A 294 27.64 -2.91 -11.43
C ALA A 294 27.85 -1.72 -12.37
N ASN A 295 27.29 -1.81 -13.55
CA ASN A 295 27.27 -0.69 -14.46
C ASN A 295 26.10 -0.83 -15.42
N ASN A 296 25.76 0.27 -16.04
CA ASN A 296 24.58 0.32 -16.87
C ASN A 296 24.96 0.94 -18.20
N PRO A 297 23.99 0.99 -19.15
CA PRO A 297 24.29 1.56 -20.45
C PRO A 297 24.73 3.02 -20.39
N GLU A 298 24.28 3.78 -19.39
CA GLU A 298 24.76 5.16 -19.23
C GLU A 298 26.21 5.22 -18.67
N GLN A 299 26.87 4.08 -18.54
CA GLN A 299 28.26 4.00 -18.01
C GLN A 299 28.40 4.52 -16.57
N GLU A 300 27.31 4.47 -15.81
CA GLU A 300 27.36 4.77 -14.40
C GLU A 300 27.87 3.48 -13.75
N GLU A 301 28.53 3.60 -12.59
CA GLU A 301 29.19 2.44 -11.99
C GLU A 301 29.05 2.44 -10.47
N ALA A 302 28.84 1.25 -9.92
CA ALA A 302 28.84 1.02 -8.49
C ALA A 302 29.93 0.02 -8.10
N GLU A 303 30.51 0.21 -6.92
CA GLU A 303 31.47 -0.73 -6.39
C GLU A 303 31.35 -0.85 -4.88
N GLU A 304 31.18 -2.09 -4.40
CA GLU A 304 31.12 -2.39 -2.98
C GLU A 304 32.22 -3.38 -2.59
N ILE A 305 32.91 -3.11 -1.49
CA ILE A 305 33.88 -4.05 -0.98
C ILE A 305 33.47 -4.40 0.43
N LEU A 306 33.41 -5.71 0.71
CA LEU A 306 32.98 -6.25 2.01
C LEU A 306 34.03 -7.20 2.52
N ASP A 307 34.25 -7.21 3.83
CA ASP A 307 35.04 -8.26 4.44
C ASP A 307 34.16 -9.50 4.58
N VAL A 308 34.67 -10.65 4.17
CA VAL A 308 33.96 -11.90 4.32
C VAL A 308 34.90 -12.99 4.81
N THR A 309 34.36 -14.15 5.16
CA THR A 309 35.21 -15.30 5.41
C THR A 309 35.29 -16.13 4.14
N TYR A 310 36.48 -16.11 3.54
CA TYR A 310 36.75 -16.86 2.32
C TYR A 310 38.23 -17.25 2.19
N SER A 311 38.51 -18.55 2.06
CA SER A 311 39.90 -19.00 1.83
C SER A 311 40.07 -19.96 0.65
N GLY A 312 39.13 -19.95 -0.29
CA GLY A 312 39.24 -20.73 -1.53
C GLY A 312 40.03 -19.97 -2.58
N ALA A 313 40.06 -20.51 -3.80
CA ALA A 313 40.70 -19.85 -4.94
C ALA A 313 39.93 -18.61 -5.35
N GLU A 314 40.62 -17.64 -5.93
CA GLU A 314 39.95 -16.45 -6.44
C GLU A 314 39.07 -16.81 -7.63
N MET A 315 38.00 -16.06 -7.82
CA MET A 315 37.14 -16.21 -9.00
C MET A 315 36.19 -15.04 -9.09
N GLU A 316 35.61 -14.89 -10.26
CA GLU A 316 34.61 -13.89 -10.44
C GLU A 316 33.41 -14.51 -11.14
N ILE A 317 32.26 -13.91 -10.93
CA ILE A 317 31.03 -14.47 -11.49
C ILE A 317 29.93 -13.41 -11.58
N GLY A 318 29.10 -13.52 -12.61
CA GLY A 318 28.00 -12.59 -12.81
C GLY A 318 26.64 -13.17 -12.41
N PHE A 319 25.78 -12.31 -11.83
CA PHE A 319 24.40 -12.69 -11.44
C PHE A 319 23.41 -11.58 -11.62
N ASN A 320 22.17 -11.98 -11.90
CA ASN A 320 21.00 -11.11 -11.78
C ASN A 320 20.82 -10.76 -10.29
N VAL A 321 21.01 -9.49 -9.96
CA VAL A 321 21.06 -9.09 -8.56
C VAL A 321 19.69 -9.20 -7.89
N SER A 322 18.59 -9.07 -8.65
CA SER A 322 17.26 -9.23 -8.05
CA SER A 322 17.26 -9.24 -8.06
C SER A 322 17.11 -10.65 -7.49
N TYR A 323 17.71 -11.63 -8.17
CA TYR A 323 17.63 -13.02 -7.72
C TYR A 323 18.36 -13.24 -6.42
N VAL A 324 19.54 -12.63 -6.31
CA VAL A 324 20.31 -12.73 -5.09
C VAL A 324 19.60 -12.01 -3.94
N LEU A 325 19.08 -10.82 -4.18
CA LEU A 325 18.35 -10.06 -3.15
C LEU A 325 17.10 -10.81 -2.66
N ASP A 326 16.36 -11.43 -3.58
CA ASP A 326 15.21 -12.28 -3.23
C ASP A 326 15.62 -13.34 -2.22
N VAL A 327 16.72 -14.04 -2.49
CA VAL A 327 17.23 -15.04 -1.55
C VAL A 327 17.54 -14.44 -0.18
N LEU A 328 18.32 -13.36 -0.19
CA LEU A 328 18.82 -12.77 1.07
C LEU A 328 17.68 -12.21 1.94
N ASN A 329 16.66 -11.66 1.29
CA ASN A 329 15.45 -11.22 1.93
C ASN A 329 14.64 -12.36 2.51
N ALA A 330 14.58 -13.49 1.81
CA ALA A 330 13.84 -14.67 2.31
C ALA A 330 14.57 -15.35 3.46
N LEU A 331 15.89 -15.21 3.50
CA LEU A 331 16.63 -15.66 4.67
C LEU A 331 16.39 -14.62 5.77
N LYS A 332 15.98 -15.06 6.94
CA LYS A 332 15.83 -14.15 8.06
C LYS A 332 16.91 -14.60 9.01
N CYS A 333 18.17 -14.28 8.69
CA CYS A 333 19.27 -14.83 9.51
C CYS A 333 20.48 -13.91 9.68
N GLU A 334 21.39 -14.32 10.57
CA GLU A 334 22.60 -13.55 10.92
C GLU A 334 23.65 -13.61 9.82
N ASN A 335 24.02 -14.82 9.41
CA ASN A 335 25.07 -15.05 8.43
C ASN A 335 24.66 -15.99 7.29
N VAL A 336 25.14 -15.71 6.08
CA VAL A 336 24.82 -16.54 4.94
CA VAL A 336 24.82 -16.49 4.90
C VAL A 336 26.09 -17.21 4.42
N ARG A 337 25.91 -18.37 3.80
CA ARG A 337 26.99 -19.10 3.17
C ARG A 337 26.68 -19.13 1.67
N MET A 338 27.65 -18.69 0.88
CA MET A 338 27.59 -18.77 -0.57
C MET A 338 28.57 -19.86 -1.00
N MET A 339 28.07 -20.81 -1.77
CA MET A 339 28.84 -21.98 -2.14
C MET A 339 29.02 -21.98 -3.65
N LEU A 340 30.28 -21.85 -4.07
CA LEU A 340 30.62 -21.60 -5.46
C LEU A 340 31.37 -22.74 -6.10
N THR A 341 31.32 -22.75 -7.43
CA THR A 341 31.90 -23.79 -8.27
C THR A 341 32.91 -23.16 -9.26
N ASP A 342 32.40 -22.44 -10.25
CA ASP A 342 33.23 -21.66 -11.17
C ASP A 342 32.41 -20.51 -11.77
N SER A 343 33.03 -19.72 -12.64
CA SER A 343 32.37 -18.53 -13.25
C SER A 343 31.20 -18.83 -14.15
N VAL A 344 31.00 -20.09 -14.54
CA VAL A 344 29.95 -20.45 -15.46
C VAL A 344 28.98 -21.44 -14.84
N SER A 345 29.03 -21.59 -13.52
CA SER A 345 28.09 -22.51 -12.86
C SER A 345 27.25 -21.77 -11.84
N SER A 346 26.19 -22.41 -11.36
CA SER A 346 25.31 -21.77 -10.38
CA SER A 346 25.31 -21.78 -10.38
C SER A 346 25.98 -21.58 -9.02
N VAL A 347 25.36 -20.73 -8.20
CA VAL A 347 25.73 -20.56 -6.78
C VAL A 347 24.59 -21.12 -5.93
N GLN A 348 24.97 -21.71 -4.81
CA GLN A 348 24.07 -22.21 -3.82
C GLN A 348 24.22 -21.33 -2.60
N ILE A 349 23.11 -20.98 -1.97
CA ILE A 349 23.14 -20.01 -0.87
C ILE A 349 22.31 -20.62 0.24
N GLU A 350 22.81 -20.52 1.47
CA GLU A 350 22.06 -21.02 2.62
C GLU A 350 22.30 -20.12 3.79
N ASP A 351 21.46 -20.24 4.80
CA ASP A 351 21.74 -19.71 6.13
C ASP A 351 23.00 -20.43 6.62
N ALA A 352 23.99 -19.67 7.08
CA ALA A 352 25.19 -20.31 7.63
C ALA A 352 24.86 -21.22 8.81
N ALA A 353 23.77 -20.95 9.52
CA ALA A 353 23.42 -21.75 10.71
C ALA A 353 22.43 -22.88 10.46
N SER A 354 21.84 -22.97 9.26
CA SER A 354 20.91 -24.07 8.95
C SER A 354 20.98 -24.58 7.53
N GLN A 355 20.88 -25.90 7.40
CA GLN A 355 20.90 -26.56 6.11
C GLN A 355 19.51 -26.93 5.61
N SER A 356 18.46 -26.54 6.34
CA SER A 356 17.10 -26.98 6.01
C SER A 356 16.48 -26.26 4.80
N ALA A 357 17.06 -25.13 4.36
CA ALA A 357 16.70 -24.54 3.08
C ALA A 357 17.95 -24.26 2.27
N ALA A 358 17.84 -24.40 0.96
CA ALA A 358 18.93 -24.06 0.06
C ALA A 358 18.34 -23.39 -1.20
N TYR A 359 19.14 -22.48 -1.75
CA TYR A 359 18.75 -21.63 -2.88
C TYR A 359 19.79 -21.77 -3.98
N VAL A 360 19.34 -21.85 -5.23
CA VAL A 360 20.26 -21.97 -6.36
C VAL A 360 19.95 -20.87 -7.38
N VAL A 361 20.98 -20.12 -7.76
CA VAL A 361 20.86 -19.04 -8.74
C VAL A 361 21.82 -19.29 -9.91
N MET A 362 21.29 -19.27 -11.12
CA MET A 362 22.12 -19.46 -12.30
C MET A 362 22.96 -18.21 -12.59
N PRO A 363 24.18 -18.41 -13.10
CA PRO A 363 25.02 -17.28 -13.39
C PRO A 363 24.60 -16.59 -14.67
N MET A 364 25.08 -15.37 -14.92
CA MET A 364 24.70 -14.66 -16.16
C MET A 364 25.82 -14.71 -17.18
N MET B 1 33.55 21.16 -7.70
CA MET B 1 32.51 21.01 -6.64
C MET B 1 32.80 19.79 -5.78
N LYS B 2 32.80 20.01 -4.47
CA LYS B 2 33.08 18.97 -3.51
C LYS B 2 32.44 19.25 -2.15
N PHE B 3 31.93 18.20 -1.52
CA PHE B 3 31.37 18.32 -0.19
C PHE B 3 31.30 16.97 0.47
N THR B 4 31.30 16.96 1.80
CA THR B 4 31.15 15.77 2.59
C THR B 4 30.09 16.07 3.64
N VAL B 5 29.07 15.22 3.75
CA VAL B 5 27.88 15.51 4.56
CA VAL B 5 27.92 15.51 4.60
C VAL B 5 27.33 14.21 5.14
N GLU B 6 26.79 14.27 6.36
CA GLU B 6 26.12 13.10 6.98
C GLU B 6 24.90 12.72 6.19
N ARG B 7 24.64 11.42 6.07
CA ARG B 7 23.53 10.89 5.29
C ARG B 7 22.21 11.57 5.66
N GLU B 8 21.91 11.64 6.96
CA GLU B 8 20.61 12.15 7.41
C GLU B 8 20.45 13.65 7.25
N HIS B 9 21.53 14.38 6.95
CA HIS B 9 21.37 15.79 6.62
C HIS B 9 21.01 15.97 5.15
N LEU B 10 20.98 14.87 4.39
CA LEU B 10 20.64 14.93 2.98
C LEU B 10 19.27 14.35 2.66
N LEU B 11 18.78 13.43 3.49
CA LEU B 11 17.60 12.65 3.13
C LEU B 11 16.32 13.48 3.12
N LYS B 12 16.09 14.28 4.15
CA LYS B 12 14.91 15.13 4.13
C LYS B 12 14.98 16.15 2.99
N PRO B 13 16.12 16.86 2.83
CA PRO B 13 16.22 17.70 1.62
C PRO B 13 15.97 16.97 0.29
N LEU B 14 16.56 15.78 0.14
CA LEU B 14 16.31 14.96 -1.02
C LEU B 14 14.84 14.59 -1.18
N GLN B 15 14.23 14.17 -0.10
CA GLN B 15 12.82 13.83 -0.15
C GLN B 15 12.03 15.03 -0.70
N GLN B 16 12.34 16.23 -0.22
CA GLN B 16 11.57 17.43 -0.61
C GLN B 16 11.77 17.86 -2.05
N VAL B 17 13.00 17.74 -2.55
CA VAL B 17 13.27 18.18 -3.93
C VAL B 17 12.90 17.15 -5.00
N SER B 18 12.64 15.91 -4.58
CA SER B 18 12.24 14.85 -5.52
C SER B 18 10.77 14.88 -5.93
N GLY B 19 10.50 14.35 -7.12
CA GLY B 19 9.16 14.32 -7.69
C GLY B 19 8.34 13.12 -7.24
N PRO B 20 7.00 13.22 -7.36
CA PRO B 20 6.11 12.23 -6.75
C PRO B 20 5.95 10.99 -7.60
N LEU B 27 11.54 16.20 -20.51
CA LEU B 27 12.96 16.11 -20.77
C LEU B 27 13.77 15.63 -19.57
N PRO B 28 14.92 14.98 -19.82
CA PRO B 28 15.63 14.20 -18.81
C PRO B 28 16.27 15.02 -17.69
N ILE B 29 16.57 16.28 -17.95
CA ILE B 29 17.16 17.12 -16.90
C ILE B 29 16.16 17.39 -15.76
N LEU B 30 14.86 17.28 -16.06
CA LEU B 30 13.84 17.46 -15.04
C LEU B 30 13.84 16.29 -14.11
N GLY B 31 14.55 15.22 -14.50
CA GLY B 31 14.74 14.02 -13.69
C GLY B 31 15.98 14.10 -12.84
N ASN B 32 16.73 15.20 -13.02
CA ASN B 32 17.90 15.49 -12.19
C ASN B 32 17.64 16.57 -11.15
N LEU B 33 18.50 16.58 -10.14
CA LEU B 33 18.59 17.64 -9.14
C LEU B 33 19.77 18.53 -9.41
N LEU B 34 19.55 19.83 -9.35
CA LEU B 34 20.63 20.79 -9.41
C LEU B 34 21.28 20.82 -8.05
N LEU B 35 22.59 20.62 -8.02
CA LEU B 35 23.38 20.72 -6.79
C LEU B 35 24.33 21.93 -6.89
N GLN B 36 24.33 22.77 -5.87
CA GLN B 36 25.23 23.94 -5.85
C GLN B 36 25.92 24.08 -4.50
N VAL B 37 27.25 24.23 -4.49
CA VAL B 37 28.01 24.55 -3.28
C VAL B 37 28.41 26.02 -3.38
N ALA B 38 27.98 26.83 -2.43
CA ALA B 38 28.32 28.26 -2.41
C ALA B 38 28.15 28.80 -1.02
N ASP B 39 29.06 29.72 -0.64
CA ASP B 39 29.05 30.39 0.66
C ASP B 39 28.64 29.46 1.79
N GLY B 40 29.34 28.32 1.85
CA GLY B 40 29.20 27.36 2.94
C GLY B 40 27.90 26.57 2.93
N THR B 41 27.23 26.52 1.79
CA THR B 41 25.90 25.93 1.74
C THR B 41 25.77 25.03 0.52
N LEU B 42 25.18 23.86 0.74
CA LEU B 42 24.75 23.00 -0.38
C LEU B 42 23.28 23.30 -0.65
N SER B 43 22.96 23.71 -1.87
CA SER B 43 21.58 23.85 -2.31
C SER B 43 21.22 22.74 -3.29
N LEU B 44 20.03 22.16 -3.10
CA LEU B 44 19.47 21.17 -4.01
C LEU B 44 18.16 21.71 -4.58
N THR B 45 17.97 21.60 -5.88
CA THR B 45 16.75 22.06 -6.51
C THR B 45 16.19 20.98 -7.41
N GLY B 46 14.89 20.71 -7.23
CA GLY B 46 14.11 19.95 -8.20
C GLY B 46 13.04 20.81 -8.83
N THR B 47 12.62 20.45 -10.05
CA THR B 47 11.60 21.22 -10.75
C THR B 47 10.95 20.34 -11.80
N ASP B 48 9.68 20.62 -12.11
CA ASP B 48 8.96 20.04 -13.26
C ASP B 48 8.52 21.15 -14.22
N LEU B 49 9.21 22.29 -14.18
CA LEU B 49 8.87 23.51 -14.94
C LEU B 49 7.64 24.31 -14.45
N GLU B 50 6.72 23.66 -13.74
CA GLU B 50 5.55 24.34 -13.19
C GLU B 50 5.83 24.81 -11.75
N MET B 51 6.62 24.02 -11.03
CA MET B 51 6.96 24.31 -9.64
C MET B 51 8.37 23.84 -9.32
N GLU B 52 8.90 24.35 -8.22
CA GLU B 52 10.29 24.14 -7.91
C GLU B 52 10.45 24.06 -6.41
N MET B 53 11.37 23.22 -5.95
CA MET B 53 11.69 23.16 -4.54
C MET B 53 13.21 23.31 -4.39
N VAL B 54 13.63 24.21 -3.50
CA VAL B 54 15.06 24.43 -3.18
C VAL B 54 15.27 24.07 -1.72
N ALA B 55 16.20 23.17 -1.41
CA ALA B 55 16.53 22.86 -0.02
C ALA B 55 17.98 23.24 0.24
N ARG B 56 18.24 23.88 1.37
CA ARG B 56 19.58 24.27 1.72
C ARG B 56 20.11 23.44 2.88
N VAL B 57 21.36 23.02 2.77
CA VAL B 57 22.04 22.35 3.87
C VAL B 57 23.40 23.00 4.15
N ALA B 58 23.59 23.33 5.42
CA ALA B 58 24.81 23.94 5.86
C ALA B 58 25.94 22.95 5.73
N LEU B 59 27.07 23.41 5.20
CA LEU B 59 28.27 22.57 5.08
C LEU B 59 29.30 22.90 6.15
N VAL B 60 29.42 22.03 7.14
CA VAL B 60 30.32 22.25 8.26
C VAL B 60 31.69 21.63 8.01
N GLN B 61 31.79 20.77 7.00
CA GLN B 61 33.05 20.16 6.64
C GLN B 61 33.62 20.85 5.43
N PRO B 62 34.94 20.70 5.21
CA PRO B 62 35.60 21.30 4.05
C PRO B 62 34.82 21.09 2.78
N HIS B 63 34.76 22.10 1.92
CA HIS B 63 33.98 22.01 0.69
C HIS B 63 34.60 22.89 -0.35
N GLU B 64 34.27 22.61 -1.61
CA GLU B 64 34.77 23.40 -2.72
CA GLU B 64 34.78 23.34 -2.77
C GLU B 64 33.56 23.75 -3.58
N PRO B 65 33.50 25.00 -4.04
CA PRO B 65 32.32 25.44 -4.76
C PRO B 65 32.22 24.91 -6.18
N GLY B 66 31.03 25.06 -6.73
CA GLY B 66 30.67 24.55 -8.05
C GLY B 66 29.24 24.06 -8.10
N ALA B 67 28.85 23.50 -9.24
CA ALA B 67 27.47 23.13 -9.46
C ALA B 67 27.38 22.10 -10.57
N THR B 68 26.45 21.15 -10.42
CA THR B 68 26.15 20.15 -11.43
C THR B 68 24.70 19.70 -11.26
N THR B 69 24.25 18.81 -12.14
CA THR B 69 22.98 18.13 -11.93
C THR B 69 23.22 16.63 -12.02
N VAL B 70 22.45 15.89 -11.23
CA VAL B 70 22.58 14.46 -11.10
C VAL B 70 21.18 13.80 -11.08
N PRO B 71 21.04 12.56 -11.63
CA PRO B 71 19.80 11.80 -11.49
C PRO B 71 19.26 11.77 -10.05
N ALA B 72 18.04 12.28 -9.88
CA ALA B 72 17.43 12.46 -8.57
C ALA B 72 17.15 11.12 -7.88
N ARG B 73 16.44 10.23 -8.58
CA ARG B 73 16.06 8.95 -8.01
C ARG B 73 17.28 8.09 -7.68
N LYS B 74 18.24 7.97 -8.61
CA LYS B 74 19.44 7.20 -8.31
C LYS B 74 20.24 7.77 -7.16
N PHE B 75 20.40 9.10 -7.13
CA PHE B 75 21.18 9.74 -6.06
C PHE B 75 20.52 9.55 -4.71
N PHE B 76 19.20 9.74 -4.66
CA PHE B 76 18.44 9.59 -3.43
C PHE B 76 18.53 8.15 -2.91
N ASP B 77 18.35 7.22 -3.82
CA ASP B 77 18.39 5.80 -3.50
C ASP B 77 19.75 5.35 -3.01
N ILE B 78 20.83 5.90 -3.55
CA ILE B 78 22.17 5.57 -3.08
C ILE B 78 22.32 6.07 -1.66
N CYS B 79 22.02 7.34 -1.44
CA CYS B 79 22.14 7.92 -0.10
C CYS B 79 21.29 7.17 0.91
N ARG B 80 20.06 6.87 0.54
CA ARG B 80 19.16 6.17 1.45
C ARG B 80 19.66 4.75 1.70
N GLY B 81 20.23 4.11 0.68
CA GLY B 81 20.79 2.75 0.81
C GLY B 81 22.03 2.63 1.70
N LEU B 82 22.73 3.75 1.90
CA LEU B 82 23.90 3.73 2.76
C LEU B 82 23.44 3.62 4.21
N PRO B 83 24.36 3.19 5.09
CA PRO B 83 23.97 2.91 6.46
C PRO B 83 23.72 4.18 7.27
N GLU B 84 22.96 4.03 8.35
CA GLU B 84 22.56 5.15 9.17
C GLU B 84 23.80 5.84 9.70
N GLY B 85 23.82 7.17 9.63
CA GLY B 85 24.98 7.94 10.08
C GLY B 85 26.15 8.03 9.11
N ALA B 86 26.02 7.43 7.92
CA ALA B 86 27.15 7.38 6.98
C ALA B 86 27.59 8.78 6.60
N GLU B 87 28.88 8.93 6.29
CA GLU B 87 29.46 10.12 5.68
C GLU B 87 29.47 9.96 4.17
N ILE B 88 28.93 10.93 3.47
CA ILE B 88 28.80 10.90 2.01
C ILE B 88 29.65 11.99 1.35
N ALA B 89 30.71 11.58 0.65
CA ALA B 89 31.66 12.50 0.04
C ALA B 89 31.34 12.52 -1.42
N VAL B 90 31.19 13.72 -1.95
CA VAL B 90 30.76 13.94 -3.32
C VAL B 90 31.81 14.82 -3.97
N GLN B 91 32.20 14.46 -5.18
CA GLN B 91 33.03 15.33 -5.95
C GLN B 91 32.77 15.13 -7.42
N LEU B 92 32.88 16.24 -8.16
CA LEU B 92 32.66 16.25 -9.59
C LEU B 92 33.96 15.77 -10.23
N GLU B 93 33.87 14.88 -11.21
CA GLU B 93 35.04 14.36 -11.92
C GLU B 93 34.70 14.24 -13.39
N GLY B 94 35.01 15.30 -14.12
CA GLY B 94 34.70 15.37 -15.54
C GLY B 94 33.21 15.51 -15.75
N GLU B 95 32.65 14.58 -16.53
CA GLU B 95 31.22 14.46 -16.76
C GLU B 95 30.50 13.60 -15.70
N ARG B 96 31.22 13.11 -14.70
CA ARG B 96 30.64 12.22 -13.69
C ARG B 96 30.62 12.89 -12.33
N MET B 97 29.66 12.50 -11.52
CA MET B 97 29.69 12.81 -10.10
C MET B 97 30.01 11.55 -9.31
N LEU B 98 31.06 11.66 -8.49
CA LEU B 98 31.56 10.58 -7.68
C LEU B 98 30.95 10.72 -6.28
N VAL B 99 30.49 9.60 -5.75
CA VAL B 99 29.91 9.52 -4.43
C VAL B 99 30.63 8.37 -3.74
N ARG B 100 31.18 8.66 -2.57
CA ARG B 100 31.88 7.67 -1.79
C ARG B 100 31.49 7.73 -0.33
N SER B 101 31.37 6.57 0.26
CA SER B 101 31.06 6.46 1.66
C SER B 101 31.51 5.08 2.06
N GLY B 102 32.43 5.00 3.02
CA GLY B 102 33.00 3.74 3.45
C GLY B 102 33.72 3.09 2.29
N ARG B 103 33.46 1.80 2.07
CA ARG B 103 33.97 1.13 0.86
C ARG B 103 32.89 0.99 -0.21
N SER B 104 31.94 1.94 -0.24
CA SER B 104 30.93 2.00 -1.30
C SER B 104 31.26 3.19 -2.19
N ARG B 105 31.33 2.97 -3.50
CA ARG B 105 31.67 4.02 -4.47
C ARG B 105 30.71 3.96 -5.64
N PHE B 106 30.40 5.12 -6.17
CA PHE B 106 29.41 5.29 -7.22
C PHE B 106 29.80 6.43 -8.14
N SER B 107 29.53 6.25 -9.41
CA SER B 107 29.88 7.26 -10.40
C SER B 107 28.62 7.46 -11.18
N LEU B 108 28.04 8.65 -11.04
CA LEU B 108 26.78 9.01 -11.68
C LEU B 108 27.01 9.94 -12.86
N SER B 109 26.18 9.80 -13.89
CA SER B 109 26.17 10.73 -15.00
C SER B 109 25.70 12.10 -14.56
N THR B 110 26.20 13.15 -15.18
CA THR B 110 25.67 14.47 -14.94
C THR B 110 25.10 15.14 -16.19
N LEU B 111 24.33 16.20 -15.96
CA LEU B 111 23.98 17.20 -16.99
C LEU B 111 24.35 18.58 -16.46
N PRO B 112 24.68 19.51 -17.37
CA PRO B 112 25.23 20.80 -16.95
C PRO B 112 24.28 21.65 -16.15
N ALA B 113 24.80 22.26 -15.09
CA ALA B 113 24.04 23.17 -14.27
C ALA B 113 23.45 24.32 -15.11
N ALA B 114 24.21 24.78 -16.09
CA ALA B 114 23.76 25.80 -17.03
C ALA B 114 22.46 25.43 -17.72
N ASP B 115 22.23 24.14 -17.91
CA ASP B 115 21.02 23.66 -18.57
C ASP B 115 19.82 23.48 -17.65
N PHE B 116 20.00 23.62 -16.34
CA PHE B 116 18.88 23.41 -15.42
C PHE B 116 17.92 24.60 -15.55
N PRO B 117 16.63 24.34 -15.82
CA PRO B 117 15.68 25.42 -16.08
C PRO B 117 15.29 26.22 -14.83
N ASN B 118 15.10 27.54 -14.99
CA ASN B 118 14.56 28.40 -13.94
C ASN B 118 13.15 28.84 -14.25
N LEU B 119 12.37 29.05 -13.20
CA LEU B 119 11.12 29.76 -13.33
C LEU B 119 11.44 31.21 -13.66
N ASP B 120 10.55 31.89 -14.37
CA ASP B 120 10.74 33.31 -14.66
C ASP B 120 10.75 34.09 -13.36
N ASP B 121 11.44 35.22 -13.35
CA ASP B 121 11.46 36.09 -12.18
C ASP B 121 10.10 36.78 -12.10
N TRP B 122 9.74 37.22 -10.91
CA TRP B 122 8.41 37.76 -10.63
C TRP B 122 8.44 38.51 -9.31
N GLN B 123 7.52 39.45 -9.12
CA GLN B 123 7.46 40.27 -7.90
C GLN B 123 6.36 39.80 -6.96
N SER B 124 6.65 39.89 -5.67
CA SER B 124 5.72 39.53 -4.63
C SER B 124 4.79 40.72 -4.36
N GLU B 125 3.48 40.46 -4.39
CA GLU B 125 2.52 41.54 -4.18
CA GLU B 125 2.41 41.47 -4.24
C GLU B 125 1.75 41.40 -2.87
N VAL B 126 1.59 40.18 -2.36
CA VAL B 126 0.95 39.96 -1.06
C VAL B 126 1.75 38.94 -0.24
N GLU B 127 1.93 39.21 1.04
CA GLU B 127 2.78 38.39 1.89
C GLU B 127 2.21 38.28 3.27
N PHE B 128 2.42 37.13 3.87
CA PHE B 128 2.01 36.93 5.24
C PHE B 128 2.73 35.73 5.82
N THR B 129 2.81 35.69 7.14
CA THR B 129 3.43 34.59 7.85
C THR B 129 2.34 33.98 8.70
N LEU B 130 2.37 32.68 8.84
CA LEU B 130 1.44 31.99 9.72
C LEU B 130 2.09 30.70 10.22
N PRO B 131 1.59 30.14 11.31
CA PRO B 131 2.16 28.89 11.73
C PRO B 131 1.94 27.79 10.68
N GLN B 132 2.90 26.88 10.57
CA GLN B 132 2.75 25.73 9.67
C GLN B 132 1.51 24.89 9.93
N ALA B 133 1.18 24.69 11.20
CA ALA B 133 0.01 23.92 11.59
C ALA B 133 -1.27 24.51 10.99
N THR B 134 -1.34 25.82 10.93
CA THR B 134 -2.49 26.52 10.37
C THR B 134 -2.65 26.27 8.88
N MET B 135 -1.57 26.37 8.09
CA MET B 135 -1.65 26.05 6.67
C MET B 135 -1.94 24.56 6.45
N LYS B 136 -1.38 23.72 7.30
CA LYS B 136 -1.67 22.29 7.23
C LYS B 136 -3.16 22.02 7.42
N ARG B 137 -3.75 22.64 8.41
CA ARG B 137 -5.19 22.46 8.66
C ARG B 137 -6.01 22.96 7.47
N LEU B 138 -5.70 24.17 6.97
CA LEU B 138 -6.37 24.70 5.78
C LEU B 138 -6.36 23.75 4.56
N ILE B 139 -5.20 23.17 4.25
CA ILE B 139 -5.04 22.32 3.07
C ILE B 139 -5.72 20.96 3.28
N GLU B 140 -5.45 20.35 4.43
CA GLU B 140 -6.03 19.05 4.77
C GLU B 140 -7.55 19.09 4.87
N ALA B 141 -8.08 20.22 5.30
CA ALA B 141 -9.52 20.35 5.45
C ALA B 141 -10.26 20.27 4.12
N THR B 142 -9.58 20.59 3.03
CA THR B 142 -10.28 20.81 1.76
C THR B 142 -9.72 20.04 0.56
N GLN B 143 -8.45 19.64 0.63
CA GLN B 143 -7.72 19.00 -0.44
C GLN B 143 -8.50 17.90 -1.18
N PHE B 144 -9.16 17.01 -0.43
CA PHE B 144 -9.89 15.89 -1.05
C PHE B 144 -11.03 16.30 -2.01
N SER B 145 -11.46 17.55 -1.94
CA SER B 145 -12.52 18.00 -2.85
C SER B 145 -12.04 18.67 -4.13
N MET B 146 -10.73 18.82 -4.31
CA MET B 146 -10.18 19.28 -5.60
C MET B 146 -10.51 18.29 -6.73
N ALA B 147 -10.71 18.81 -7.93
CA ALA B 147 -10.85 17.97 -9.12
C ALA B 147 -9.50 17.36 -9.49
N HIS B 148 -9.55 16.25 -10.24
CA HIS B 148 -8.40 15.61 -10.91
C HIS B 148 -8.61 15.65 -12.42
N GLN B 149 -7.77 16.38 -13.13
CA GLN B 149 -7.76 16.35 -14.61
C GLN B 149 -9.11 16.64 -15.28
N ASP B 150 -9.91 17.50 -14.67
CA ASP B 150 -11.10 17.99 -15.31
C ASP B 150 -10.69 18.90 -16.47
N VAL B 151 -11.45 18.89 -17.57
CA VAL B 151 -11.18 19.86 -18.67
C VAL B 151 -11.36 21.29 -18.16
N ARG B 152 -12.23 21.46 -17.16
CA ARG B 152 -12.28 22.73 -16.43
C ARG B 152 -11.04 22.77 -15.55
N TYR B 153 -9.97 23.27 -16.19
CA TYR B 153 -8.61 23.24 -15.68
C TYR B 153 -8.45 24.01 -14.36
N TYR B 154 -9.26 25.05 -14.20
CA TYR B 154 -9.29 25.89 -12.98
C TYR B 154 -9.85 25.22 -11.71
N LEU B 155 -10.42 24.03 -11.82
CA LEU B 155 -10.82 23.25 -10.65
C LEU B 155 -9.79 22.24 -10.20
N ASN B 156 -8.71 22.03 -10.98
CA ASN B 156 -7.66 21.08 -10.64
C ASN B 156 -6.64 21.77 -9.72
N GLY B 157 -7.13 22.24 -8.60
CA GLY B 157 -6.36 23.09 -7.70
C GLY B 157 -7.21 23.59 -6.54
N MET B 158 -6.63 24.49 -5.77
CA MET B 158 -7.23 25.01 -4.55
C MET B 158 -7.15 26.51 -4.63
N LEU B 159 -8.26 27.18 -4.31
CA LEU B 159 -8.31 28.62 -4.17
C LEU B 159 -7.74 28.98 -2.80
N PHE B 160 -6.90 30.01 -2.80
CA PHE B 160 -6.38 30.65 -1.59
C PHE B 160 -6.86 32.09 -1.59
N GLU B 161 -7.63 32.42 -0.55
CA GLU B 161 -8.29 33.68 -0.44
C GLU B 161 -7.90 34.34 0.87
N THR B 162 -7.44 35.57 0.75
CA THR B 162 -7.22 36.44 1.88
C THR B 162 -8.36 37.47 1.96
N GLU B 163 -8.81 37.73 3.16
CA GLU B 163 -9.85 38.72 3.43
C GLU B 163 -9.75 39.09 4.93
N GLY B 164 -9.64 40.39 5.21
CA GLY B 164 -9.48 40.86 6.58
C GLY B 164 -8.19 40.33 7.15
N GLU B 165 -8.28 39.61 8.28
CA GLU B 165 -7.15 38.96 8.89
C GLU B 165 -7.22 37.43 8.73
N GLU B 166 -7.97 36.99 7.70
CA GLU B 166 -8.22 35.58 7.51
C GLU B 166 -7.67 35.05 6.18
N LEU B 167 -7.12 33.85 6.24
CA LEU B 167 -6.81 33.06 5.05
C LEU B 167 -7.86 31.94 4.91
N ARG B 168 -8.31 31.73 3.67
CA ARG B 168 -9.28 30.72 3.35
C ARG B 168 -8.86 29.87 2.14
N THR B 169 -9.18 28.58 2.21
CA THR B 169 -8.98 27.65 1.11
C THR B 169 -10.34 27.12 0.70
N VAL B 170 -10.51 26.98 -0.62
CA VAL B 170 -11.73 26.42 -1.16
C VAL B 170 -11.32 25.41 -2.22
N ALA B 171 -12.06 24.31 -2.26
CA ALA B 171 -11.85 23.25 -3.23
C ALA B 171 -13.21 22.67 -3.64
N THR B 172 -13.35 22.39 -4.92
CA THR B 172 -14.55 21.75 -5.44
C THR B 172 -14.19 21.08 -6.74
N ASP B 173 -14.89 19.98 -7.04
CA ASP B 173 -14.68 19.28 -8.26
C ASP B 173 -15.90 19.52 -9.16
N GLY B 174 -16.74 20.46 -8.76
CA GLY B 174 -17.92 20.81 -9.53
C GLY B 174 -19.15 20.05 -9.06
N HIS B 175 -18.95 19.14 -8.09
CA HIS B 175 -20.03 18.34 -7.52
C HIS B 175 -20.18 18.59 -6.04
N ARG B 176 -19.06 18.63 -5.34
CA ARG B 176 -19.09 18.86 -3.90
C ARG B 176 -18.02 19.91 -3.51
N LEU B 177 -18.22 20.56 -2.38
CA LEU B 177 -17.37 21.68 -2.01
C LEU B 177 -16.86 21.58 -0.60
N ALA B 178 -15.62 22.01 -0.42
CA ALA B 178 -14.96 22.11 0.89
C ALA B 178 -14.43 23.53 1.04
N VAL B 179 -14.61 24.10 2.22
CA VAL B 179 -14.06 25.43 2.54
C VAL B 179 -13.52 25.41 3.97
N CYS B 180 -12.36 26.03 4.13
CA CYS B 180 -11.77 26.22 5.42
C CYS B 180 -11.23 27.65 5.59
N SER B 181 -11.57 28.30 6.70
CA SER B 181 -11.07 29.65 7.01
C SER B 181 -10.44 29.69 8.37
N MET B 182 -9.30 30.37 8.48
CA MET B 182 -8.59 30.53 9.74
C MET B 182 -8.03 31.96 9.87
N PRO B 183 -8.20 32.59 11.03
CA PRO B 183 -7.55 33.87 11.27
C PRO B 183 -6.06 33.71 11.48
N ILE B 184 -5.27 34.61 10.90
CA ILE B 184 -3.81 34.53 11.01
C ILE B 184 -3.17 35.78 11.66
N GLY B 185 -4.00 36.70 12.14
CA GLY B 185 -3.52 37.84 12.92
C GLY B 185 -2.78 38.92 12.16
N GLN B 186 -3.05 39.05 10.86
CA GLN B 186 -2.42 40.08 10.03
C GLN B 186 -3.45 40.63 9.11
N SER B 187 -3.43 41.94 8.92
CA SER B 187 -4.34 42.61 8.04
C SER B 187 -3.96 42.33 6.59
N LEU B 188 -4.89 41.84 5.77
CA LEU B 188 -4.53 41.40 4.44
C LEU B 188 -5.38 42.09 3.41
N PRO B 189 -4.86 42.26 2.19
CA PRO B 189 -5.73 42.70 1.11
C PRO B 189 -6.73 41.62 0.77
N SER B 190 -7.84 42.01 0.16
CA SER B 190 -8.79 41.04 -0.38
C SER B 190 -8.23 40.56 -1.69
N HIS B 191 -7.94 39.27 -1.77
CA HIS B 191 -7.24 38.76 -2.92
C HIS B 191 -7.48 37.26 -3.03
N SER B 192 -7.40 36.71 -4.23
CA SER B 192 -7.46 35.25 -4.31
C SER B 192 -6.70 34.69 -5.49
N VAL B 193 -6.13 33.51 -5.28
CA VAL B 193 -5.42 32.81 -6.34
C VAL B 193 -5.72 31.30 -6.32
N ILE B 194 -5.44 30.63 -7.42
CA ILE B 194 -5.61 29.20 -7.54
C ILE B 194 -4.25 28.52 -7.63
N VAL B 195 -3.95 27.67 -6.66
CA VAL B 195 -2.72 26.90 -6.64
C VAL B 195 -2.98 25.55 -7.30
N PRO B 196 -2.15 25.17 -8.28
CA PRO B 196 -2.40 23.87 -8.95
C PRO B 196 -2.34 22.67 -8.01
N ARG B 197 -3.13 21.65 -8.31
CA ARG B 197 -3.29 20.56 -7.37
C ARG B 197 -1.96 19.96 -6.95
N LYS B 198 -1.04 19.71 -7.89
CA LYS B 198 0.28 19.17 -7.57
C LYS B 198 1.10 20.07 -6.64
N GLY B 199 0.95 21.37 -6.83
CA GLY B 199 1.59 22.35 -6.00
C GLY B 199 1.06 22.31 -4.59
N VAL B 200 -0.25 22.14 -4.45
CA VAL B 200 -0.87 21.96 -3.12
C VAL B 200 -0.27 20.77 -2.39
N ILE B 201 -0.25 19.64 -3.08
CA ILE B 201 0.33 18.42 -2.54
C ILE B 201 1.80 18.63 -2.15
N GLU B 202 2.60 19.22 -3.04
CA GLU B 202 4.02 19.47 -2.72
C GLU B 202 4.15 20.46 -1.51
N LEU B 203 3.33 21.49 -1.49
CA LEU B 203 3.33 22.43 -0.37
C LEU B 203 3.04 21.72 0.95
N MET B 204 2.02 20.88 0.89
CA MET B 204 1.57 20.12 2.05
C MET B 204 2.69 19.23 2.59
N ARG B 205 3.41 18.58 1.70
CA ARG B 205 4.46 17.67 2.15
C ARG B 205 5.70 18.43 2.68
N MET B 206 5.85 19.71 2.37
CA MET B 206 6.94 20.53 2.88
C MET B 206 6.75 20.89 4.36
N LEU B 207 5.53 20.73 4.88
CA LEU B 207 5.16 21.21 6.21
C LEU B 207 5.34 20.06 7.19
N ASP B 208 6.40 20.15 8.01
CA ASP B 208 6.72 19.09 8.96
C ASP B 208 5.93 19.19 10.26
N GLY B 209 5.13 20.23 10.41
CA GLY B 209 4.46 20.44 11.68
C GLY B 209 5.53 20.67 12.75
N GLY B 210 6.15 21.84 12.69
CA GLY B 210 7.23 22.21 13.60
C GLY B 210 7.14 23.68 13.96
N ASP B 211 8.16 24.19 14.61
CA ASP B 211 8.15 25.54 15.14
C ASP B 211 8.65 26.63 14.17
N ASN B 212 9.17 26.21 13.00
CA ASN B 212 9.50 27.17 11.93
C ASN B 212 8.24 27.85 11.39
N PRO B 213 8.22 29.20 11.38
CA PRO B 213 7.08 29.87 10.79
C PRO B 213 7.07 29.67 9.28
N LEU B 214 5.88 29.69 8.66
CA LEU B 214 5.76 29.67 7.20
C LEU B 214 5.53 31.05 6.62
N ARG B 215 6.38 31.46 5.67
CA ARG B 215 6.18 32.72 4.98
C ARG B 215 5.64 32.45 3.59
N VAL B 216 4.50 33.05 3.28
CA VAL B 216 3.87 32.94 1.97
C VAL B 216 4.03 34.28 1.21
N GLN B 217 4.41 34.21 -0.06
CA GLN B 217 4.48 35.38 -0.94
C GLN B 217 3.71 35.04 -2.22
N ILE B 218 2.77 35.91 -2.59
CA ILE B 218 1.93 35.68 -3.76
C ILE B 218 2.15 36.79 -4.77
N GLY B 219 2.49 36.40 -6.00
CA GLY B 219 2.60 37.34 -7.11
C GLY B 219 1.36 37.28 -7.99
N SER B 220 1.37 37.97 -9.12
CA SER B 220 0.21 37.90 -10.02
C SER B 220 0.07 36.52 -10.69
N ASN B 221 1.18 35.78 -10.87
CA ASN B 221 1.16 34.48 -11.54
C ASN B 221 1.92 33.34 -10.82
N ASN B 222 2.43 33.61 -9.62
CA ASN B 222 3.20 32.68 -8.84
C ASN B 222 2.87 32.77 -7.35
N ILE B 223 3.25 31.71 -6.64
CA ILE B 223 3.17 31.66 -5.20
C ILE B 223 4.46 31.04 -4.68
N ARG B 224 4.93 31.56 -3.55
CA ARG B 224 6.11 31.04 -2.89
C ARG B 224 5.85 30.80 -1.41
N ALA B 225 6.38 29.68 -0.92
CA ALA B 225 6.32 29.35 0.50
C ALA B 225 7.72 28.99 1.03
N HIS B 226 8.14 29.70 2.08
CA HIS B 226 9.44 29.57 2.76
CA HIS B 226 9.42 29.48 2.72
C HIS B 226 9.24 29.03 4.17
N VAL B 227 9.85 27.89 4.50
CA VAL B 227 9.90 27.36 5.86
C VAL B 227 11.30 26.82 6.09
N GLY B 228 11.95 27.34 7.12
CA GLY B 228 13.34 26.98 7.46
C GLY B 228 14.21 26.88 6.25
N ASP B 229 14.79 25.70 5.99
CA ASP B 229 15.73 25.49 4.88
C ASP B 229 15.11 25.22 3.51
N PHE B 230 13.80 25.38 3.40
CA PHE B 230 13.10 24.99 2.18
C PHE B 230 12.39 26.18 1.57
N ILE B 231 12.44 26.27 0.24
CA ILE B 231 11.69 27.27 -0.48
C ILE B 231 10.94 26.63 -1.64
N PHE B 232 9.61 26.74 -1.61
CA PHE B 232 8.75 26.23 -2.68
C PHE B 232 8.15 27.37 -3.54
N THR B 233 8.22 27.20 -4.86
CA THR B 233 7.65 28.16 -5.81
C THR B 233 6.84 27.43 -6.87
N SER B 234 5.63 27.95 -7.14
CA SER B 234 4.75 27.38 -8.14
C SER B 234 4.09 28.47 -8.97
N LYS B 235 3.79 28.14 -10.21
CA LYS B 235 2.89 28.95 -11.00
C LYS B 235 1.48 28.82 -10.42
N LEU B 236 0.66 29.83 -10.66
CA LEU B 236 -0.73 29.76 -10.34
C LEU B 236 -1.47 29.27 -11.57
N VAL B 237 -2.69 28.79 -11.35
CA VAL B 237 -3.58 28.45 -12.46
C VAL B 237 -4.22 29.74 -12.91
N ASP B 238 -4.03 30.08 -14.18
CA ASP B 238 -4.56 31.31 -14.70
C ASP B 238 -5.99 31.09 -15.19
N GLY B 239 -6.95 31.31 -14.30
CA GLY B 239 -8.36 31.08 -14.60
C GLY B 239 -9.25 31.67 -13.51
N ARG B 240 -10.56 31.60 -13.71
CA ARG B 240 -11.54 32.08 -12.73
C ARG B 240 -12.11 30.92 -11.95
N PHE B 241 -12.01 30.97 -10.62
CA PHE B 241 -12.60 29.96 -9.74
C PHE B 241 -14.09 30.29 -9.56
N PRO B 242 -14.96 29.26 -9.40
CA PRO B 242 -16.38 29.56 -9.12
C PRO B 242 -16.58 30.20 -7.74
N ASP B 243 -17.64 30.97 -7.53
CA ASP B 243 -17.82 31.65 -6.23
C ASP B 243 -18.40 30.70 -5.19
N TYR B 244 -17.62 30.40 -4.15
CA TYR B 244 -18.07 29.42 -3.12
C TYR B 244 -19.37 29.89 -2.46
N ARG B 245 -19.56 31.20 -2.43
CA ARG B 245 -20.63 31.81 -1.66
C ARG B 245 -22.02 31.48 -2.17
N ARG B 246 -22.18 31.33 -3.48
CA ARG B 246 -23.51 31.08 -4.07
C ARG B 246 -23.98 29.62 -3.87
N VAL B 247 -23.04 28.74 -3.53
CA VAL B 247 -23.26 27.30 -3.34
C VAL B 247 -23.64 26.97 -1.89
N LEU B 248 -23.19 27.78 -0.95
CA LEU B 248 -23.55 27.59 0.44
C LEU B 248 -25.07 27.77 0.61
N PRO B 249 -25.75 26.85 1.32
CA PRO B 249 -27.18 27.07 1.55
C PRO B 249 -27.46 28.37 2.30
N LYS B 250 -28.56 29.06 1.94
CA LYS B 250 -28.86 30.40 2.48
C LYS B 250 -29.24 30.35 3.95
N ASN B 251 -30.23 29.54 4.27
CA ASN B 251 -30.61 29.41 5.67
C ASN B 251 -30.95 27.97 6.01
N PRO B 252 -29.92 27.20 6.33
CA PRO B 252 -30.14 25.80 6.71
C PRO B 252 -30.63 25.73 8.15
N ASP B 253 -31.95 25.74 8.32
CA ASP B 253 -32.56 25.94 9.63
C ASP B 253 -32.88 24.65 10.39
N LYS B 254 -32.42 23.52 9.87
CA LYS B 254 -32.67 22.24 10.52
C LYS B 254 -31.36 21.53 10.85
N HIS B 255 -30.88 21.70 12.07
CA HIS B 255 -29.59 21.13 12.48
C HIS B 255 -29.70 19.76 13.14
N LEU B 256 -29.09 18.79 12.51
CA LEU B 256 -28.92 17.48 13.09
C LEU B 256 -27.51 17.39 13.64
N GLU B 257 -27.36 16.95 14.88
CA GLU B 257 -26.05 16.58 15.43
C GLU B 257 -25.97 15.15 15.87
N ALA B 258 -24.83 14.52 15.56
CA ALA B 258 -24.57 13.16 15.99
C ALA B 258 -23.07 12.91 16.08
N GLY B 259 -22.71 11.91 16.88
CA GLY B 259 -21.33 11.47 16.96
C GLY B 259 -20.79 11.10 15.59
N CYS B 260 -19.59 11.59 15.29
CA CYS B 260 -19.02 11.42 13.97
C CYS B 260 -18.86 9.94 13.56
N ASP B 261 -18.29 9.14 14.47
CA ASP B 261 -17.98 7.76 14.12
C ASP B 261 -19.23 6.93 13.92
N LEU B 262 -20.18 7.07 14.82
CA LEU B 262 -21.44 6.35 14.68
C LEU B 262 -22.08 6.72 13.34
N LEU B 263 -22.09 8.00 13.01
CA LEU B 263 -22.67 8.47 11.75
C LEU B 263 -21.95 7.87 10.57
N LYS B 264 -20.62 7.93 10.61
CA LYS B 264 -19.76 7.39 9.57
C LYS B 264 -19.96 5.88 9.41
N GLN B 265 -19.97 5.15 10.51
CA GLN B 265 -20.15 3.71 10.42
C GLN B 265 -21.51 3.31 9.86
N ALA B 266 -22.57 4.04 10.25
CA ALA B 266 -23.91 3.81 9.70
C ALA B 266 -23.95 4.03 8.22
N PHE B 267 -23.35 5.13 7.77
CA PHE B 267 -23.29 5.40 6.32
C PHE B 267 -22.44 4.38 5.56
N ALA B 268 -21.34 3.94 6.14
CA ALA B 268 -20.41 3.03 5.45
C ALA B 268 -21.11 1.67 5.27
N ARG B 269 -21.88 1.27 6.27
CA ARG B 269 -22.70 0.05 6.13
C ARG B 269 -23.78 0.26 5.06
N ALA B 270 -24.51 1.37 5.12
CA ALA B 270 -25.57 1.60 4.12
C ALA B 270 -25.00 1.61 2.70
N ALA B 271 -23.86 2.26 2.51
CA ALA B 271 -23.18 2.35 1.20
C ALA B 271 -22.96 1.03 0.49
N ILE B 272 -22.76 -0.04 1.27
CA ILE B 272 -22.53 -1.34 0.69
C ILE B 272 -23.65 -1.76 -0.26
N LEU B 273 -24.90 -1.40 0.04
CA LEU B 273 -26.03 -1.73 -0.84
C LEU B 273 -26.57 -0.55 -1.64
N SER B 274 -25.76 0.49 -1.81
CA SER B 274 -26.13 1.58 -2.69
C SER B 274 -25.64 1.31 -4.10
N ASN B 275 -26.22 2.04 -5.07
CA ASN B 275 -25.77 2.02 -6.45
C ASN B 275 -24.25 2.28 -6.57
N GLU B 276 -23.56 1.40 -7.27
CA GLU B 276 -22.10 1.42 -7.36
C GLU B 276 -21.60 2.64 -8.11
N LYS B 277 -22.40 3.17 -9.02
CA LYS B 277 -22.02 4.34 -9.81
C LYS B 277 -22.50 5.63 -9.17
N PHE B 278 -23.74 5.66 -8.68
CA PHE B 278 -24.31 6.94 -8.25
C PHE B 278 -24.43 7.11 -6.74
N ARG B 279 -24.37 6.00 -6.02
CA ARG B 279 -24.11 6.00 -4.57
C ARG B 279 -25.14 6.75 -3.73
N GLY B 280 -26.38 6.81 -4.23
CA GLY B 280 -27.44 7.51 -3.54
C GLY B 280 -27.90 6.74 -2.32
N VAL B 281 -28.01 7.48 -1.21
CA VAL B 281 -28.65 7.01 0.01
C VAL B 281 -29.64 8.07 0.46
N ARG B 282 -30.68 7.64 1.17
CA ARG B 282 -31.76 8.51 1.58
C ARG B 282 -31.74 8.66 3.09
N LEU B 283 -32.05 9.86 3.53
CA LEU B 283 -32.17 10.18 4.96
C LEU B 283 -33.61 10.52 5.30
N TYR B 284 -34.09 9.99 6.42
CA TYR B 284 -35.40 10.34 6.97
C TYR B 284 -35.12 10.87 8.37
N VAL B 285 -35.35 12.17 8.56
CA VAL B 285 -35.04 12.80 9.84
C VAL B 285 -36.34 13.11 10.61
N SER B 286 -36.35 12.72 11.87
CA SER B 286 -37.50 12.91 12.74
C SER B 286 -36.97 13.26 14.13
N GLU B 287 -37.87 13.47 15.10
CA GLU B 287 -37.44 13.93 16.41
C GLU B 287 -36.38 13.00 16.99
N ASN B 288 -35.18 13.56 17.19
CA ASN B 288 -34.00 12.84 17.70
C ASN B 288 -33.72 11.49 17.04
N GLN B 289 -33.99 11.39 15.76
CA GLN B 289 -33.80 10.13 15.10
C GLN B 289 -33.46 10.34 13.65
N LEU B 290 -32.55 9.51 13.16
CA LEU B 290 -32.17 9.51 11.77
C LEU B 290 -32.32 8.10 11.26
N LYS B 291 -32.91 7.96 10.08
CA LYS B 291 -32.93 6.68 9.39
C LYS B 291 -32.28 6.82 8.02
N ILE B 292 -31.31 5.95 7.73
CA ILE B 292 -30.62 5.96 6.46
C ILE B 292 -31.01 4.71 5.69
N THR B 293 -31.38 4.88 4.42
CA THR B 293 -31.67 3.71 3.58
C THR B 293 -30.82 3.77 2.31
N ALA B 294 -30.54 2.59 1.76
CA ALA B 294 -29.91 2.47 0.48
C ALA B 294 -30.51 1.30 -0.27
N ASN B 295 -30.56 1.42 -1.58
CA ASN B 295 -30.80 0.23 -2.39
C ASN B 295 -30.08 0.35 -3.73
N ASN B 296 -30.05 -0.76 -4.46
CA ASN B 296 -29.27 -0.87 -5.68
C ASN B 296 -30.11 -1.51 -6.78
N PRO B 297 -29.56 -1.61 -8.00
CA PRO B 297 -30.36 -2.19 -9.10
C PRO B 297 -30.78 -3.65 -8.87
N GLU B 298 -30.02 -4.40 -8.07
CA GLU B 298 -30.41 -5.76 -7.66
C GLU B 298 -31.51 -5.83 -6.60
N GLN B 299 -32.03 -4.67 -6.21
CA GLN B 299 -33.11 -4.60 -5.22
C GLN B 299 -32.69 -5.05 -3.82
N GLU B 300 -31.40 -5.06 -3.54
CA GLU B 300 -30.94 -5.24 -2.18
C GLU B 300 -31.16 -3.96 -1.41
N GLU B 301 -31.38 -4.05 -0.11
CA GLU B 301 -31.73 -2.87 0.70
C GLU B 301 -31.01 -2.85 2.03
N ALA B 302 -30.52 -1.66 2.40
CA ALA B 302 -29.94 -1.38 3.74
C ALA B 302 -30.78 -0.35 4.49
N GLU B 303 -30.85 -0.50 5.82
CA GLU B 303 -31.50 0.46 6.66
C GLU B 303 -30.74 0.57 7.97
N GLU B 304 -30.45 1.80 8.37
CA GLU B 304 -29.80 2.13 9.63
C GLU B 304 -30.66 3.14 10.35
N ILE B 305 -30.89 2.92 11.64
CA ILE B 305 -31.59 3.89 12.48
C ILE B 305 -30.64 4.25 13.62
N LEU B 306 -30.48 5.55 13.87
CA LEU B 306 -29.60 6.09 14.90
C LEU B 306 -30.33 7.11 15.77
N ASP B 307 -30.00 7.15 17.05
CA ASP B 307 -30.33 8.30 17.88
C ASP B 307 -29.38 9.45 17.54
N VAL B 308 -29.95 10.62 17.34
CA VAL B 308 -29.19 11.84 17.06
C VAL B 308 -29.85 12.97 17.82
N THR B 309 -29.30 14.16 17.70
CA THR B 309 -29.97 15.34 18.23
C THR B 309 -30.67 16.03 17.08
N TYR B 310 -31.98 16.22 17.17
CA TYR B 310 -32.76 16.91 16.13
C TYR B 310 -34.17 17.22 16.62
N SER B 311 -34.63 18.44 16.33
CA SER B 311 -35.96 18.88 16.76
CA SER B 311 -35.97 18.87 16.75
C SER B 311 -36.70 19.66 15.66
N GLY B 312 -36.17 19.66 14.44
CA GLY B 312 -36.86 20.34 13.32
C GLY B 312 -38.07 19.59 12.78
N ALA B 313 -38.69 20.14 11.74
CA ALA B 313 -39.74 19.44 11.03
C ALA B 313 -39.17 18.17 10.41
N GLU B 314 -39.99 17.15 10.31
CA GLU B 314 -39.59 15.95 9.62
C GLU B 314 -39.32 16.26 8.15
N MET B 315 -38.30 15.62 7.60
CA MET B 315 -38.05 15.71 6.17
C MET B 315 -37.19 14.53 5.69
N GLU B 316 -37.10 14.37 4.38
CA GLU B 316 -36.19 13.40 3.79
C GLU B 316 -35.31 14.07 2.75
N ILE B 317 -34.11 13.54 2.59
CA ILE B 317 -33.17 14.05 1.61
C ILE B 317 -32.28 12.90 1.15
N GLY B 318 -31.90 12.91 -0.12
CA GLY B 318 -30.96 11.95 -0.64
C GLY B 318 -29.66 12.63 -0.92
N PHE B 319 -28.57 11.88 -0.79
CA PHE B 319 -27.29 12.33 -1.33
C PHE B 319 -26.29 11.23 -1.61
N ASN B 320 -25.21 11.64 -2.28
CA ASN B 320 -24.10 10.75 -2.64
C ASN B 320 -23.32 10.40 -1.37
N VAL B 321 -23.45 9.13 -0.98
CA VAL B 321 -22.82 8.60 0.23
C VAL B 321 -21.26 8.63 0.16
N SER B 322 -20.67 8.50 -1.02
CA SER B 322 -19.20 8.63 -1.14
C SER B 322 -18.76 10.03 -0.72
N TYR B 323 -19.47 11.05 -1.18
CA TYR B 323 -19.14 12.43 -0.82
C TYR B 323 -19.32 12.73 0.67
N VAL B 324 -20.39 12.21 1.24
CA VAL B 324 -20.65 12.40 2.65
C VAL B 324 -19.60 11.66 3.50
N LEU B 325 -19.25 10.43 3.12
CA LEU B 325 -18.16 9.72 3.82
C LEU B 325 -16.80 10.44 3.68
N ASP B 326 -16.52 11.05 2.54
CA ASP B 326 -15.28 11.81 2.37
C ASP B 326 -15.23 12.92 3.42
N VAL B 327 -16.37 13.56 3.64
CA VAL B 327 -16.45 14.67 4.59
C VAL B 327 -16.22 14.18 6.03
N LEU B 328 -16.92 13.13 6.42
CA LEU B 328 -16.84 12.59 7.76
C LEU B 328 -15.42 12.07 8.07
N ASN B 329 -14.73 11.52 7.05
CA ASN B 329 -13.33 11.12 7.24
C ASN B 329 -12.37 12.30 7.29
N ALA B 330 -12.71 13.41 6.64
CA ALA B 330 -11.88 14.61 6.75
C ALA B 330 -12.04 15.27 8.12
N LEU B 331 -13.24 15.24 8.70
CA LEU B 331 -13.52 15.91 9.97
C LEU B 331 -12.79 15.32 11.18
N LYS B 332 -12.60 14.01 11.21
CA LYS B 332 -11.91 13.37 12.34
C LYS B 332 -12.18 14.08 13.69
N CYS B 333 -13.45 14.29 14.03
CA CYS B 333 -13.82 15.01 15.25
C CYS B 333 -14.84 14.21 16.05
N GLU B 334 -15.25 14.69 17.22
CA GLU B 334 -16.15 13.92 18.08
C GLU B 334 -17.60 13.94 17.56
N ASN B 335 -18.05 15.12 17.18
CA ASN B 335 -19.44 15.33 16.83
C ASN B 335 -19.54 16.12 15.55
N VAL B 336 -20.60 15.85 14.79
CA VAL B 336 -20.83 16.43 13.48
C VAL B 336 -22.16 17.16 13.52
N ARG B 337 -22.24 18.26 12.78
CA ARG B 337 -23.48 18.99 12.53
C ARG B 337 -23.84 18.94 11.03
N MET B 338 -25.05 18.44 10.73
CA MET B 338 -25.60 18.42 9.37
C MET B 338 -26.69 19.47 9.29
N MET B 339 -26.53 20.44 8.41
CA MET B 339 -27.38 21.62 8.35
C MET B 339 -28.30 21.53 7.12
N LEU B 340 -29.58 21.28 7.39
CA LEU B 340 -30.54 20.87 6.39
C LEU B 340 -31.58 21.96 6.11
N THR B 341 -32.15 21.92 4.92
CA THR B 341 -33.14 22.88 4.48
C THR B 341 -34.39 22.10 4.08
N ASP B 342 -34.29 21.35 2.99
CA ASP B 342 -35.41 20.52 2.53
C ASP B 342 -34.89 19.51 1.53
N SER B 343 -35.79 18.72 0.94
CA SER B 343 -35.40 17.60 0.08
C SER B 343 -34.78 18.00 -1.23
N VAL B 344 -34.86 19.30 -1.58
CA VAL B 344 -34.37 19.78 -2.85
C VAL B 344 -33.24 20.80 -2.65
N SER B 345 -32.65 20.80 -1.47
CA SER B 345 -31.57 21.73 -1.19
C SER B 345 -30.32 20.97 -0.75
N SER B 346 -29.17 21.61 -0.93
CA SER B 346 -27.91 21.05 -0.49
C SER B 346 -27.87 20.96 1.01
N VAL B 347 -26.89 20.22 1.50
CA VAL B 347 -26.63 20.08 2.92
C VAL B 347 -25.26 20.66 3.20
N GLN B 348 -25.15 21.37 4.31
CA GLN B 348 -23.87 21.84 4.77
C GLN B 348 -23.52 21.01 6.03
N ILE B 349 -22.27 20.57 6.11
CA ILE B 349 -21.83 19.70 7.19
C ILE B 349 -20.59 20.32 7.85
N GLU B 350 -20.54 20.26 9.17
CA GLU B 350 -19.45 20.86 9.92
C GLU B 350 -19.15 20.01 11.13
N ASP B 351 -17.95 20.20 11.68
CA ASP B 351 -17.65 19.77 13.03
C ASP B 351 -18.68 20.52 13.89
N ALA B 352 -19.36 19.81 14.77
CA ALA B 352 -20.38 20.44 15.60
C ALA B 352 -19.77 21.54 16.48
N ALA B 353 -18.48 21.42 16.76
CA ALA B 353 -17.76 22.31 17.68
C ALA B 353 -16.81 23.29 16.96
N SER B 354 -17.03 23.54 15.68
CA SER B 354 -16.16 24.49 14.95
C SER B 354 -16.75 24.82 13.60
N GLN B 355 -16.93 26.12 13.34
CA GLN B 355 -17.38 26.57 12.02
C GLN B 355 -16.24 26.84 11.06
N SER B 356 -14.99 26.57 11.45
CA SER B 356 -13.87 26.90 10.57
C SER B 356 -13.91 26.18 9.22
N ALA B 357 -14.31 24.90 9.22
CA ALA B 357 -14.48 24.13 7.97
C ALA B 357 -15.94 23.81 7.68
N ALA B 358 -16.34 23.92 6.42
CA ALA B 358 -17.69 23.59 6.01
C ALA B 358 -17.65 22.86 4.70
N TYR B 359 -18.61 21.97 4.52
CA TYR B 359 -18.65 21.10 3.34
C TYR B 359 -20.05 21.12 2.83
N VAL B 360 -20.20 21.19 1.52
CA VAL B 360 -21.53 21.21 0.90
C VAL B 360 -21.66 20.04 -0.09
N VAL B 361 -22.78 19.34 0.03
CA VAL B 361 -23.09 18.20 -0.80
C VAL B 361 -24.46 18.44 -1.41
N MET B 362 -24.60 18.10 -2.69
CA MET B 362 -25.85 18.28 -3.43
C MET B 362 -26.91 17.25 -3.02
N PRO B 363 -28.21 17.60 -3.18
CA PRO B 363 -29.29 16.67 -2.94
C PRO B 363 -29.46 15.74 -4.11
N MET B 364 -29.98 14.55 -3.86
CA MET B 364 -30.29 13.59 -4.90
C MET B 364 -31.75 13.23 -4.72
N ARG B 365 -32.47 13.21 -5.84
CA ARG B 365 -33.81 12.68 -5.91
C ARG B 365 -33.66 11.21 -6.22
N LEU B 366 -34.04 10.35 -5.30
CA LEU B 366 -33.83 8.92 -5.46
C LEU B 366 -35.14 8.16 -5.74
#